data_7OC1
#
_entry.id   7OC1
#
_cell.length_a   84.024
_cell.length_b   137.199
_cell.length_c   65.692
_cell.angle_alpha   90.00
_cell.angle_beta   90.00
_cell.angle_gamma   90.00
#
_symmetry.space_group_name_H-M   'P 21 21 21'
#
loop_
_entity.id
_entity.type
_entity.pdbx_description
1 polymer '3-oxoacyl-[acyl-carrier-protein] synthase 2'
2 non-polymer PLATENSIMYCIN
3 non-polymer 'DIMETHYL SULFOXIDE'
4 non-polymer 'POTASSIUM ION'
5 non-polymer GLYCEROL
6 water water
#
_entity_poly.entity_id   1
_entity_poly.type   'polypeptide(L)'
_entity_poly.pdbx_seq_one_letter_code
;SRRRVVITGMGMLSPLGLDVPSSWEGILAGRSGIAPIEHMDLSAYSTRFGGSVKGFNVEEYLSAKEARKLDLFIQYGLAA
SFQAVRDSGLEVTDANRERIGVSMGSGIGGLTNIENNCRSLFEQGPRRISPFFVPGSIINMVSGFLSIHLGLQGPNYALT
TAQTTGTHSIGMAARNIAYGEADVMVAGGSEMAACGLGLGGFGAARALSTRNDEPTRASRPWDRDRDGFVLSDGSGALVL
EELEHARARGARIYAELVGFGMSGDAFHMTAPPEDGAGAARCMKNALRDAGLDPRQVDYINAHGTSTPAGDIAEIAAVKS
VFGEHAHALSMSSTKSMTGHLLGAAGAVEAIFSVLALRDQVAPPTINLDNPDEGCDLDLVAHEAKPRKIDVALSNSFGFG
GTNGTLVFRRFA
;
_entity_poly.pdbx_strand_id   A,B
#
# COMPACT_ATOMS: atom_id res chain seq x y z
N SER A 1 25.64 -6.28 5.07
CA SER A 1 25.16 -7.29 6.04
C SER A 1 23.99 -6.74 6.88
N ARG A 2 23.07 -7.63 7.25
CA ARG A 2 21.75 -7.26 7.82
C ARG A 2 21.90 -6.78 9.28
N ARG A 3 21.35 -5.60 9.58
CA ARG A 3 21.35 -5.00 10.94
C ARG A 3 20.19 -5.57 11.73
N ARG A 4 20.31 -5.59 13.05
CA ARG A 4 19.25 -6.06 13.99
C ARG A 4 18.23 -4.94 14.21
N VAL A 5 16.97 -5.34 14.36
CA VAL A 5 15.85 -4.43 14.52
C VAL A 5 15.11 -4.76 15.82
N VAL A 6 14.90 -3.74 16.65
CA VAL A 6 14.20 -3.90 17.92
C VAL A 6 12.99 -2.96 17.99
N ILE A 7 12.09 -3.23 18.95
CA ILE A 7 10.88 -2.46 19.16
C ILE A 7 11.10 -1.59 20.39
N THR A 8 10.97 -0.27 20.26
CA THR A 8 11.24 0.64 21.35
C THR A 8 10.04 1.52 21.77
N GLY A 9 8.94 1.44 21.00
CA GLY A 9 7.74 2.17 21.32
C GLY A 9 6.52 1.51 20.68
N MET A 10 5.37 1.62 21.34
CA MET A 10 4.11 1.11 20.81
C MET A 10 2.96 2.01 21.17
N GLY A 11 1.93 2.01 20.31
CA GLY A 11 0.75 2.84 20.52
C GLY A 11 -0.44 2.12 19.88
N MET A 12 -1.65 2.42 20.38
CA MET A 12 -2.84 1.71 19.98
C MET A 12 -4.13 2.43 20.29
N LEU A 13 -5.14 2.24 19.43
CA LEU A 13 -6.55 2.42 19.77
C LEU A 13 -7.23 1.12 19.44
N SER A 14 -8.05 0.59 20.37
CA SER A 14 -8.76 -0.65 20.11
C SER A 14 -10.14 -0.63 20.74
N PRO A 15 -10.99 -1.61 20.44
CA PRO A 15 -12.27 -1.77 21.13
C PRO A 15 -12.10 -2.02 22.63
N LEU A 16 -10.88 -2.32 23.09
CA LEU A 16 -10.61 -2.57 24.52
C LEU A 16 -9.98 -1.37 25.27
N GLY A 17 -9.56 -0.35 24.53
CA GLY A 17 -8.86 0.75 25.17
C GLY A 17 -8.30 1.79 24.25
N LEU A 18 -8.06 2.99 24.79
CA LEU A 18 -7.50 4.13 24.06
C LEU A 18 -5.96 4.22 24.06
N ASP A 19 -5.33 3.16 24.56
CA ASP A 19 -3.88 3.02 24.54
C ASP A 19 -3.49 1.59 24.73
N VAL A 20 -2.19 1.34 24.70
CA VAL A 20 -1.68 0.00 24.83
C VAL A 20 -1.97 -0.60 26.21
N PRO A 21 -1.57 0.03 27.33
N PRO A 21 -1.56 0.04 27.32
CA PRO A 21 -1.77 -0.60 28.63
CA PRO A 21 -1.77 -0.59 28.64
C PRO A 21 -3.23 -0.96 28.91
C PRO A 21 -3.24 -0.96 28.91
N SER A 22 -4.17 -0.05 28.60
CA SER A 22 -5.60 -0.31 28.88
C SER A 22 -6.10 -1.45 28.00
N SER A 23 -5.69 -1.47 26.73
CA SER A 23 -6.06 -2.59 25.85
C SER A 23 -5.54 -3.92 26.39
N TRP A 24 -4.27 -3.93 26.80
CA TRP A 24 -3.61 -5.15 27.23
C TRP A 24 -4.21 -5.65 28.53
N GLU A 25 -4.62 -4.73 29.39
CA GLU A 25 -5.31 -5.12 30.62
CA GLU A 25 -5.31 -5.12 30.63
C GLU A 25 -6.58 -5.88 30.26
N GLY A 26 -7.31 -5.37 29.27
CA GLY A 26 -8.52 -6.04 28.79
C GLY A 26 -8.20 -7.42 28.24
N ILE A 27 -7.16 -7.52 27.40
CA ILE A 27 -6.73 -8.80 26.84
C ILE A 27 -6.50 -9.83 27.93
N LEU A 28 -5.72 -9.46 28.96
CA LEU A 28 -5.32 -10.42 29.96
C LEU A 28 -6.48 -10.81 30.87
N ALA A 29 -7.48 -9.93 30.96
CA ALA A 29 -8.73 -10.20 31.71
C ALA A 29 -9.81 -10.96 30.92
N GLY A 30 -9.59 -11.23 29.64
CA GLY A 30 -10.55 -11.92 28.79
C GLY A 30 -11.78 -11.10 28.44
N ARG A 31 -11.61 -9.78 28.48
CA ARG A 31 -12.74 -8.83 28.27
CA ARG A 31 -12.73 -8.83 28.26
C ARG A 31 -13.08 -8.74 26.77
N SER A 32 -14.37 -8.66 26.45
CA SER A 32 -14.79 -8.38 25.07
C SER A 32 -14.98 -6.89 24.85
N GLY A 33 -14.55 -6.40 23.67
CA GLY A 33 -14.80 -5.04 23.24
C GLY A 33 -15.96 -4.90 22.25
N ILE A 34 -16.75 -5.94 22.09
CA ILE A 34 -17.78 -6.00 21.05
C ILE A 34 -19.17 -5.63 21.62
N ALA A 35 -19.90 -4.85 20.85
CA ALA A 35 -21.18 -4.33 21.27
C ALA A 35 -22.02 -3.91 20.07
N PRO A 36 -23.36 -3.79 20.26
CA PRO A 36 -24.19 -3.20 19.21
C PRO A 36 -23.63 -1.84 18.78
N ILE A 37 -23.58 -1.59 17.48
CA ILE A 37 -23.03 -0.35 16.96
C ILE A 37 -24.07 0.76 17.19
N GLU A 38 -23.58 1.88 17.71
CA GLU A 38 -24.42 3.03 18.07
C GLU A 38 -24.38 4.20 17.11
N HIS A 39 -23.32 4.28 16.30
CA HIS A 39 -23.05 5.46 15.46
C HIS A 39 -23.77 5.49 14.12
N MET A 40 -24.45 4.39 13.79
CA MET A 40 -25.31 4.38 12.63
C MET A 40 -26.45 3.40 12.84
N ASP A 41 -27.47 3.51 11.99
CA ASP A 41 -28.64 2.67 12.04
C ASP A 41 -28.41 1.45 11.16
N LEU A 42 -28.28 0.28 11.79
CA LEU A 42 -28.04 -0.96 11.09
C LEU A 42 -29.27 -1.90 11.11
N SER A 43 -30.46 -1.33 11.28
CA SER A 43 -31.68 -2.13 11.30
CA SER A 43 -31.70 -2.11 11.29
C SER A 43 -31.89 -2.97 10.03
N ALA A 44 -31.44 -2.46 8.89
CA ALA A 44 -31.61 -3.15 7.61
C ALA A 44 -30.49 -4.13 7.25
N TYR A 45 -29.48 -4.22 8.12
CA TYR A 45 -28.27 -5.04 7.92
C TYR A 45 -28.43 -6.35 8.71
N SER A 46 -27.78 -7.41 8.21
CA SER A 46 -27.77 -8.69 8.88
C SER A 46 -26.84 -8.78 10.10
N THR A 47 -25.88 -7.84 10.19
CA THR A 47 -24.96 -7.72 11.31
C THR A 47 -25.03 -6.30 11.87
N ARG A 48 -25.23 -6.17 13.19
CA ARG A 48 -25.59 -4.87 13.82
C ARG A 48 -24.62 -4.52 14.96
N PHE A 49 -23.50 -5.23 15.05
CA PHE A 49 -22.58 -5.07 16.18
C PHE A 49 -21.18 -5.13 15.63
N GLY A 50 -20.21 -4.72 16.46
CA GLY A 50 -18.81 -4.80 16.13
C GLY A 50 -17.98 -4.19 17.22
N GLY A 51 -16.69 -4.02 16.94
CA GLY A 51 -15.77 -3.46 17.92
C GLY A 51 -15.48 -2.02 17.57
N SER A 52 -16.12 -1.09 18.31
CA SER A 52 -15.91 0.33 18.11
C SER A 52 -14.84 0.83 19.11
N VAL A 53 -14.15 1.91 18.74
CA VAL A 53 -13.32 2.67 19.66
C VAL A 53 -14.22 3.62 20.43
N LYS A 54 -14.19 3.52 21.76
CA LYS A 54 -15.07 4.27 22.65
C LYS A 54 -14.32 5.44 23.25
N GLY A 55 -14.89 6.63 23.08
CA GLY A 55 -14.47 7.82 23.78
C GLY A 55 -13.20 8.47 23.24
N PHE A 56 -12.91 8.23 21.96
CA PHE A 56 -11.68 8.78 21.37
C PHE A 56 -11.77 10.29 21.35
N ASN A 57 -10.70 10.94 21.80
CA ASN A 57 -10.61 12.39 21.74
C ASN A 57 -9.46 12.80 20.84
N VAL A 58 -9.78 13.12 19.57
CA VAL A 58 -8.76 13.48 18.59
C VAL A 58 -7.99 14.75 19.01
N GLU A 59 -8.62 15.58 19.85
CA GLU A 59 -8.04 16.87 20.25
C GLU A 59 -6.85 16.73 21.17
N GLU A 60 -6.59 15.52 21.67
CA GLU A 60 -5.35 15.23 22.36
C GLU A 60 -4.15 15.21 21.41
N TYR A 61 -4.41 15.11 20.10
CA TYR A 61 -3.38 14.99 19.03
C TYR A 61 -3.43 16.14 18.03
N LEU A 62 -4.61 16.57 17.61
CA LEU A 62 -4.83 17.51 16.51
C LEU A 62 -5.90 18.52 16.87
N SER A 63 -5.91 19.65 16.17
CA SER A 63 -6.96 20.64 16.27
C SER A 63 -8.23 20.12 15.62
N ALA A 64 -9.38 20.69 16.02
CA ALA A 64 -10.68 20.40 15.42
C ALA A 64 -10.59 20.59 13.91
N LYS A 65 -9.92 21.68 13.51
CA LYS A 65 -9.82 22.08 12.12
C LYS A 65 -9.08 21.02 11.32
N GLU A 66 -7.92 20.57 11.84
CA GLU A 66 -7.13 19.59 11.15
C GLU A 66 -7.91 18.29 11.11
N ALA A 67 -8.54 17.92 12.23
CA ALA A 67 -9.17 16.63 12.36
C ALA A 67 -10.33 16.47 11.40
N ARG A 68 -11.13 17.53 11.18
CA ARG A 68 -12.36 17.38 10.33
C ARG A 68 -11.97 17.22 8.86
N LYS A 69 -10.73 17.49 8.47
CA LYS A 69 -10.21 17.27 7.13
C LYS A 69 -9.76 15.82 6.89
N LEU A 70 -9.81 14.97 7.92
CA LEU A 70 -9.24 13.63 7.86
C LEU A 70 -10.25 12.54 8.27
N ASP A 71 -10.35 11.47 7.46
CA ASP A 71 -11.20 10.32 7.80
C ASP A 71 -10.78 9.73 9.13
N LEU A 72 -11.73 9.10 9.81
CA LEU A 72 -11.42 8.44 11.07
C LEU A 72 -10.25 7.45 11.00
N PHE A 73 -10.11 6.69 9.91
CA PHE A 73 -8.97 5.76 9.87
C PHE A 73 -7.62 6.49 10.01
N ILE A 74 -7.56 7.72 9.47
CA ILE A 74 -6.35 8.55 9.51
C ILE A 74 -6.15 9.07 10.93
N GLN A 75 -7.22 9.56 11.55
CA GLN A 75 -7.14 10.05 12.90
C GLN A 75 -6.63 8.94 13.85
N TYR A 76 -7.17 7.73 13.69
CA TYR A 76 -6.81 6.56 14.52
C TYR A 76 -5.34 6.22 14.30
N GLY A 77 -4.89 6.19 13.04
CA GLY A 77 -3.51 5.91 12.75
C GLY A 77 -2.56 6.93 13.31
N LEU A 78 -2.94 8.21 13.25
CA LEU A 78 -2.13 9.26 13.84
C LEU A 78 -2.06 9.10 15.36
N ALA A 79 -3.20 8.81 16.00
CA ALA A 79 -3.21 8.63 17.46
C ALA A 79 -2.24 7.54 17.90
N ALA A 80 -2.31 6.38 17.24
CA ALA A 80 -1.43 5.27 17.60
C ALA A 80 0.04 5.63 17.33
N SER A 81 0.31 6.33 16.21
CA SER A 81 1.67 6.71 15.83
C SER A 81 2.28 7.70 16.82
N PHE A 82 1.51 8.74 17.20
CA PHE A 82 1.98 9.72 18.12
C PHE A 82 2.27 9.02 19.46
N GLN A 83 1.37 8.13 19.89
CA GLN A 83 1.57 7.41 21.14
C GLN A 83 2.87 6.61 21.08
N ALA A 84 3.12 5.91 19.95
CA ALA A 84 4.30 5.05 19.85
C ALA A 84 5.60 5.86 19.91
N VAL A 85 5.64 6.98 19.18
CA VAL A 85 6.82 7.82 19.18
C VAL A 85 7.09 8.38 20.58
N ARG A 86 6.04 8.86 21.27
CA ARG A 86 6.13 9.33 22.69
C ARG A 86 6.69 8.18 23.55
N ASP A 87 6.11 6.99 23.44
CA ASP A 87 6.53 5.82 24.21
C ASP A 87 8.00 5.47 23.96
N SER A 88 8.51 5.72 22.74
CA SER A 88 9.89 5.40 22.42
C SER A 88 10.93 6.33 23.01
N GLY A 89 10.51 7.54 23.39
CA GLY A 89 11.42 8.55 23.90
C GLY A 89 12.25 9.27 22.85
N LEU A 90 12.12 8.85 21.59
CA LEU A 90 12.91 9.42 20.50
C LEU A 90 12.70 10.92 20.35
N GLU A 91 13.81 11.65 20.21
CA GLU A 91 13.80 13.09 19.90
C GLU A 91 14.22 13.26 18.45
N VAL A 92 13.32 13.84 17.65
CA VAL A 92 13.63 14.17 16.26
C VAL A 92 14.45 15.45 16.17
N THR A 93 15.57 15.39 15.44
CA THR A 93 16.44 16.56 15.21
C THR A 93 16.88 16.62 13.74
N ASP A 94 17.60 17.68 13.36
CA ASP A 94 18.20 17.71 12.04
C ASP A 94 19.19 16.55 11.84
N ALA A 95 19.83 16.10 12.93
CA ALA A 95 20.81 15.03 12.83
C ALA A 95 20.24 13.65 12.47
N ASN A 96 18.96 13.43 12.77
CA ASN A 96 18.33 12.13 12.51
C ASN A 96 17.06 12.12 11.65
N ARG A 97 16.53 13.30 11.28
CA ARG A 97 15.17 13.33 10.68
C ARG A 97 15.17 12.62 9.31
N GLU A 98 16.29 12.58 8.59
CA GLU A 98 16.36 11.92 7.30
C GLU A 98 16.40 10.41 7.45
N ARG A 99 16.64 9.92 8.67
CA ARG A 99 16.84 8.48 8.99
C ARG A 99 15.61 7.87 9.68
N ILE A 100 14.54 8.64 9.84
CA ILE A 100 13.32 8.17 10.47
C ILE A 100 12.18 8.29 9.42
N GLY A 101 11.53 7.15 9.12
CA GLY A 101 10.42 7.09 8.22
C GLY A 101 9.16 6.49 8.82
N VAL A 102 8.17 6.30 7.96
CA VAL A 102 6.84 5.87 8.37
CA VAL A 102 6.85 5.86 8.36
C VAL A 102 6.24 4.96 7.32
N SER A 103 5.67 3.85 7.77
CA SER A 103 4.90 2.94 6.91
C SER A 103 3.67 2.49 7.70
N MET A 104 2.59 3.27 7.59
CA MET A 104 1.31 3.00 8.23
C MET A 104 0.31 2.78 7.11
N GLY A 105 -0.39 1.63 7.16
CA GLY A 105 -1.24 1.18 6.07
C GLY A 105 -2.71 1.05 6.48
N SER A 106 -3.55 0.69 5.52
CA SER A 106 -4.93 0.35 5.78
C SER A 106 -5.42 -0.57 4.68
N GLY A 107 -6.36 -1.43 5.05
CA GLY A 107 -6.98 -2.40 4.12
C GLY A 107 -8.03 -1.74 3.30
N ILE A 108 -9.00 -1.15 4.00
CA ILE A 108 -10.18 -0.55 3.38
C ILE A 108 -10.03 0.96 3.24
N GLY A 109 -9.19 1.59 4.08
CA GLY A 109 -8.94 3.02 4.01
C GLY A 109 -10.15 3.87 4.26
N GLY A 110 -10.32 4.89 3.41
CA GLY A 110 -11.26 5.95 3.66
C GLY A 110 -12.66 5.72 3.11
N LEU A 111 -13.10 4.46 3.10
CA LEU A 111 -14.44 4.10 2.65
C LEU A 111 -15.53 4.95 3.31
N THR A 112 -15.42 5.19 4.62
CA THR A 112 -16.38 5.99 5.35
C THR A 112 -16.50 7.45 4.83
N ASN A 113 -15.36 8.14 4.68
CA ASN A 113 -15.36 9.47 4.14
C ASN A 113 -15.79 9.48 2.67
N ILE A 114 -15.44 8.43 1.92
CA ILE A 114 -15.84 8.35 0.49
C ILE A 114 -17.35 8.22 0.39
N GLU A 115 -17.91 7.36 1.25
CA GLU A 115 -19.36 7.16 1.35
C GLU A 115 -20.08 8.44 1.70
N ASN A 116 -19.53 9.22 2.64
CA ASN A 116 -20.12 10.49 3.02
C ASN A 116 -20.07 11.54 1.90
N ASN A 117 -18.94 11.61 1.20
CA ASN A 117 -18.82 12.52 0.05
C ASN A 117 -19.69 12.11 -1.13
N CYS A 118 -19.90 10.79 -1.25
CA CYS A 118 -20.78 10.23 -2.25
C CYS A 118 -22.22 10.64 -2.02
N ARG A 119 -22.62 10.62 -0.76
CA ARG A 119 -23.95 11.10 -0.32
C ARG A 119 -24.11 12.56 -0.73
N SER A 120 -23.12 13.41 -0.42
CA SER A 120 -23.11 14.82 -0.83
C SER A 120 -23.25 14.97 -2.36
N LEU A 121 -22.49 14.16 -3.09
CA LEU A 121 -22.46 14.28 -4.54
C LEU A 121 -23.83 14.01 -5.11
N PHE A 122 -24.47 12.93 -4.64
CA PHE A 122 -25.74 12.49 -5.22
C PHE A 122 -26.94 13.22 -4.65
N GLU A 123 -26.90 13.62 -3.38
CA GLU A 123 -28.05 14.27 -2.72
C GLU A 123 -28.04 15.78 -2.90
N GLN A 124 -26.86 16.40 -2.87
CA GLN A 124 -26.73 17.84 -3.07
C GLN A 124 -26.17 18.21 -4.43
N GLY A 125 -24.94 17.75 -4.72
CA GLY A 125 -24.31 17.95 -6.02
C GLY A 125 -22.79 17.95 -5.88
N PRO A 126 -22.04 18.07 -6.99
CA PRO A 126 -20.58 17.93 -6.98
C PRO A 126 -19.82 19.04 -6.25
N ARG A 127 -20.41 20.23 -6.12
CA ARG A 127 -19.78 21.35 -5.40
C ARG A 127 -19.87 21.13 -3.90
N ARG A 128 -20.54 20.08 -3.42
CA ARG A 128 -20.55 19.71 -1.99
C ARG A 128 -19.44 18.71 -1.65
N ILE A 129 -18.67 18.23 -2.63
CA ILE A 129 -17.52 17.42 -2.34
C ILE A 129 -16.50 18.30 -1.63
N SER A 130 -15.93 17.79 -0.54
CA SER A 130 -14.98 18.60 0.22
C SER A 130 -13.73 18.94 -0.57
N PRO A 131 -13.19 20.17 -0.45
CA PRO A 131 -11.84 20.49 -0.91
C PRO A 131 -10.79 19.51 -0.38
N PHE A 132 -11.03 18.91 0.80
CA PHE A 132 -10.07 18.06 1.46
C PHE A 132 -10.39 16.60 1.23
N PHE A 133 -11.35 16.30 0.35
CA PHE A 133 -11.75 14.94 0.10
C PHE A 133 -10.57 14.04 -0.27
N VAL A 134 -9.75 14.46 -1.23
CA VAL A 134 -8.70 13.55 -1.68
C VAL A 134 -7.65 13.35 -0.58
N PRO A 135 -6.98 14.41 -0.05
CA PRO A 135 -5.96 14.20 0.96
C PRO A 135 -6.52 13.56 2.24
N GLY A 136 -7.80 13.81 2.56
CA GLY A 136 -8.41 13.26 3.76
C GLY A 136 -8.93 11.84 3.68
N SER A 137 -8.81 11.20 2.51
CA SER A 137 -9.36 9.87 2.28
C SER A 137 -8.33 8.86 1.86
N ILE A 138 -7.22 9.31 1.24
CA ILE A 138 -6.24 8.39 0.68
C ILE A 138 -5.39 7.71 1.79
N ILE A 139 -5.05 6.45 1.54
CA ILE A 139 -4.45 5.61 2.55
C ILE A 139 -3.09 6.10 3.03
N ASN A 140 -2.31 6.73 2.15
CA ASN A 140 -0.98 7.18 2.55
C ASN A 140 -0.92 8.42 3.44
N MET A 141 -2.10 8.97 3.78
CA MET A 141 -2.10 10.22 4.52
C MET A 141 -1.82 10.03 6.02
N VAL A 142 -1.84 8.79 6.53
CA VAL A 142 -1.36 8.58 7.89
C VAL A 142 0.16 8.86 7.88
N SER A 143 0.88 8.19 6.97
CA SER A 143 2.33 8.39 6.84
C SER A 143 2.62 9.84 6.52
N GLY A 144 1.81 10.42 5.61
CA GLY A 144 2.03 11.79 5.19
C GLY A 144 1.88 12.76 6.35
N PHE A 145 0.73 12.72 7.01
CA PHE A 145 0.44 13.66 8.10
C PHE A 145 1.35 13.45 9.30
N LEU A 146 1.65 12.20 9.64
CA LEU A 146 2.60 11.93 10.72
C LEU A 146 3.95 12.54 10.42
N SER A 147 4.42 12.35 9.19
CA SER A 147 5.72 12.92 8.83
C SER A 147 5.73 14.44 8.92
N ILE A 148 4.63 15.09 8.53
CA ILE A 148 4.50 16.54 8.59
C ILE A 148 4.53 17.00 10.02
N HIS A 149 3.79 16.33 10.90
CA HIS A 149 3.71 16.80 12.27
C HIS A 149 4.94 16.54 13.10
N LEU A 150 5.63 15.44 12.85
CA LEU A 150 6.85 15.11 13.61
C LEU A 150 8.15 15.49 12.91
N GLY A 151 8.09 15.83 11.61
CA GLY A 151 9.28 16.20 10.86
C GLY A 151 10.14 15.02 10.38
N LEU A 152 9.46 13.93 10.00
CA LEU A 152 10.12 12.71 9.58
C LEU A 152 10.37 12.76 8.08
N GLN A 153 11.64 12.62 7.69
CA GLN A 153 12.01 12.76 6.27
C GLN A 153 12.54 11.49 5.58
N GLY A 154 12.55 10.38 6.31
CA GLY A 154 12.97 9.11 5.76
C GLY A 154 11.89 8.45 4.93
N PRO A 155 12.08 7.17 4.54
CA PRO A 155 11.15 6.49 3.66
C PRO A 155 9.71 6.64 4.15
N ASN A 156 8.79 7.00 3.24
CA ASN A 156 7.45 7.37 3.60
C ASN A 156 6.52 6.67 2.67
N TYR A 157 5.79 5.67 3.16
CA TYR A 157 4.90 4.88 2.26
C TYR A 157 3.79 4.19 3.04
N ALA A 158 2.91 3.51 2.30
CA ALA A 158 1.79 2.82 2.88
C ALA A 158 1.50 1.60 2.06
N LEU A 159 1.29 0.50 2.76
CA LEU A 159 0.82 -0.75 2.19
C LEU A 159 -0.70 -0.85 2.30
N THR A 160 -1.28 -1.60 1.36
CA THR A 160 -2.67 -1.98 1.45
C THR A 160 -2.79 -3.42 0.96
N THR A 161 -2.80 -4.34 1.91
CA THR A 161 -2.86 -5.77 1.63
C THR A 161 -4.00 -6.35 2.46
N ALA A 162 -5.13 -5.64 2.43
CA ALA A 162 -6.36 -6.11 3.06
C ALA A 162 -6.07 -6.48 4.52
N GLN A 163 -6.48 -7.68 4.96
CA GLN A 163 -6.38 -8.01 6.39
C GLN A 163 -4.94 -8.36 6.82
N THR A 164 -3.99 -8.32 5.88
CA THR A 164 -2.57 -8.58 6.15
C THR A 164 -1.78 -7.30 6.31
N THR A 165 -2.42 -6.16 6.06
CA THR A 165 -1.74 -4.88 5.97
C THR A 165 -0.76 -4.61 7.12
N GLY A 166 -1.23 -4.73 8.37
CA GLY A 166 -0.42 -4.30 9.49
C GLY A 166 0.81 -5.13 9.66
N THR A 167 0.71 -6.43 9.34
CA THR A 167 1.84 -7.35 9.43
C THR A 167 2.87 -7.03 8.37
N HIS A 168 2.42 -6.88 7.12
CA HIS A 168 3.31 -6.50 6.05
C HIS A 168 3.98 -5.15 6.31
N SER A 169 3.21 -4.19 6.84
CA SER A 169 3.73 -2.86 7.12
C SER A 169 4.96 -2.90 8.06
N ILE A 170 4.81 -3.68 9.15
CA ILE A 170 5.85 -3.84 10.15
C ILE A 170 7.04 -4.59 9.58
N GLY A 171 6.78 -5.67 8.85
CA GLY A 171 7.85 -6.47 8.28
C GLY A 171 8.67 -5.71 7.25
N MET A 172 8.01 -4.99 6.35
CA MET A 172 8.74 -4.23 5.30
C MET A 172 9.50 -3.04 5.88
N ALA A 173 8.96 -2.44 6.93
CA ALA A 173 9.64 -1.38 7.68
C ALA A 173 10.91 -1.93 8.34
N ALA A 174 10.82 -3.14 8.90
CA ALA A 174 11.97 -3.77 9.50
C ALA A 174 13.05 -4.00 8.44
N ARG A 175 12.67 -4.41 7.22
CA ARG A 175 13.63 -4.57 6.09
C ARG A 175 14.32 -3.24 5.80
N ASN A 176 13.58 -2.12 5.79
CA ASN A 176 14.18 -0.82 5.52
C ASN A 176 15.34 -0.57 6.51
N ILE A 177 15.12 -0.89 7.78
CA ILE A 177 16.13 -0.68 8.80
C ILE A 177 17.30 -1.68 8.64
N ALA A 178 16.95 -2.95 8.46
CA ALA A 178 17.94 -4.03 8.42
C ALA A 178 18.92 -3.78 7.29
N TYR A 179 18.41 -3.23 6.18
CA TYR A 179 19.21 -3.00 4.94
C TYR A 179 19.80 -1.58 4.90
N GLY A 180 19.58 -0.74 5.90
CA GLY A 180 20.27 0.52 5.96
C GLY A 180 19.59 1.73 5.35
N GLU A 181 18.34 1.56 4.88
CA GLU A 181 17.58 2.65 4.28
C GLU A 181 16.99 3.62 5.30
N ALA A 182 16.94 3.19 6.56
CA ALA A 182 16.48 4.01 7.66
C ALA A 182 17.07 3.45 8.95
N ASP A 183 17.10 4.28 10.00
CA ASP A 183 17.45 3.80 11.34
C ASP A 183 16.26 3.56 12.25
N VAL A 184 15.16 4.22 11.94
CA VAL A 184 13.92 4.20 12.72
C VAL A 184 12.75 4.23 11.73
N MET A 185 11.75 3.40 11.98
CA MET A 185 10.48 3.46 11.26
C MET A 185 9.33 3.34 12.23
N VAL A 186 8.28 4.14 11.97
CA VAL A 186 6.99 4.01 12.62
C VAL A 186 6.10 3.21 11.67
N ALA A 187 5.61 2.05 12.15
CA ALA A 187 4.90 1.12 11.26
C ALA A 187 3.71 0.47 11.91
N GLY A 188 2.70 0.14 11.08
CA GLY A 188 1.51 -0.49 11.57
C GLY A 188 0.36 -0.24 10.64
N GLY A 189 -0.83 -0.06 11.21
CA GLY A 189 -2.02 0.03 10.41
C GLY A 189 -3.17 0.61 11.18
N SER A 190 -4.20 1.05 10.43
CA SER A 190 -5.40 1.62 11.04
C SER A 190 -6.59 1.37 10.15
N GLU A 191 -7.77 1.34 10.76
CA GLU A 191 -8.99 1.02 10.05
C GLU A 191 -10.21 1.61 10.76
N MET A 192 -11.17 2.07 9.95
CA MET A 192 -12.52 2.37 10.43
CA MET A 192 -12.52 2.34 10.44
C MET A 192 -13.45 2.17 9.24
N ALA A 193 -13.87 0.92 9.04
CA ALA A 193 -14.69 0.49 7.94
C ALA A 193 -16.13 0.23 8.36
N ALA A 194 -16.52 0.73 9.54
CA ALA A 194 -17.86 0.57 10.07
C ALA A 194 -18.78 1.66 9.47
N CYS A 195 -19.16 1.43 8.22
CA CYS A 195 -20.07 2.25 7.46
C CYS A 195 -20.95 1.28 6.68
N GLY A 196 -21.92 1.82 5.97
CA GLY A 196 -22.85 1.01 5.20
C GLY A 196 -22.17 0.06 4.23
N LEU A 197 -21.23 0.60 3.46
CA LEU A 197 -20.56 -0.18 2.45
C LEU A 197 -19.66 -1.24 3.07
N GLY A 198 -19.09 -0.96 4.23
CA GLY A 198 -18.28 -1.90 4.96
C GLY A 198 -19.05 -3.06 5.53
N LEU A 199 -20.02 -2.74 6.40
CA LEU A 199 -20.84 -3.76 7.01
C LEU A 199 -21.67 -4.49 5.95
N GLY A 200 -22.21 -3.71 5.00
CA GLY A 200 -22.99 -4.24 3.92
C GLY A 200 -22.21 -5.15 2.96
N GLY A 201 -20.96 -4.73 2.65
CA GLY A 201 -20.10 -5.45 1.72
C GLY A 201 -19.61 -6.78 2.29
N PHE A 202 -19.13 -6.75 3.55
CA PHE A 202 -18.69 -7.98 4.18
C PHE A 202 -19.90 -8.91 4.44
N GLY A 203 -21.05 -8.30 4.71
CA GLY A 203 -22.29 -9.01 4.94
C GLY A 203 -22.76 -9.71 3.67
N ALA A 204 -22.63 -9.02 2.53
CA ALA A 204 -23.04 -9.59 1.22
C ALA A 204 -22.19 -10.79 0.85
N ALA A 205 -20.92 -10.79 1.30
CA ALA A 205 -20.01 -11.91 1.12
C ALA A 205 -20.27 -13.07 2.09
N ARG A 206 -21.18 -12.87 3.06
CA ARG A 206 -21.55 -13.85 4.11
C ARG A 206 -20.32 -14.15 4.97
N ALA A 207 -19.47 -13.15 5.21
CA ALA A 207 -18.24 -13.34 5.99
C ALA A 207 -18.35 -12.96 7.45
N LEU A 208 -19.40 -12.21 7.84
CA LEU A 208 -19.58 -11.71 9.21
C LEU A 208 -20.47 -12.62 10.02
N SER A 209 -20.15 -12.73 11.30
CA SER A 209 -21.07 -13.27 12.28
C SER A 209 -22.36 -12.46 12.29
N THR A 210 -23.49 -13.19 12.40
CA THR A 210 -24.80 -12.58 12.57
C THR A 210 -25.40 -12.88 13.92
N ARG A 211 -24.57 -13.07 14.95
CA ARG A 211 -25.02 -13.35 16.35
C ARG A 211 -25.41 -12.03 17.04
N ASN A 212 -26.44 -11.36 16.51
CA ASN A 212 -26.82 -10.03 16.96
C ASN A 212 -27.30 -9.99 18.42
N ASP A 213 -27.88 -11.10 18.88
CA ASP A 213 -28.42 -11.15 20.24
C ASP A 213 -27.37 -11.34 21.33
N GLU A 214 -26.17 -11.80 20.95
CA GLU A 214 -25.08 -11.99 21.89
C GLU A 214 -23.74 -11.55 21.28
N PRO A 215 -23.55 -10.23 21.04
CA PRO A 215 -22.36 -9.76 20.34
C PRO A 215 -21.04 -10.18 21.00
N THR A 216 -20.98 -10.31 22.34
CA THR A 216 -19.69 -10.58 22.98
C THR A 216 -19.28 -12.04 22.79
N ARG A 217 -20.24 -12.88 22.41
CA ARG A 217 -20.02 -14.33 22.15
C ARG A 217 -19.85 -14.59 20.66
N ALA A 218 -19.96 -13.57 19.80
CA ALA A 218 -19.95 -13.77 18.37
C ALA A 218 -18.59 -14.23 17.87
N SER A 219 -17.52 -13.58 18.33
CA SER A 219 -16.17 -13.91 17.89
C SER A 219 -15.65 -15.09 18.69
N ARG A 220 -15.52 -16.25 18.05
CA ARG A 220 -15.27 -17.52 18.78
C ARG A 220 -14.37 -18.41 17.92
N PRO A 221 -13.11 -17.97 17.70
CA PRO A 221 -12.19 -18.72 16.85
C PRO A 221 -12.03 -20.19 17.28
N TRP A 222 -12.13 -21.08 16.30
CA TRP A 222 -12.00 -22.53 16.44
C TRP A 222 -13.17 -23.23 17.17
N ASP A 223 -14.17 -22.47 17.61
CA ASP A 223 -15.34 -23.03 18.29
C ASP A 223 -16.29 -23.57 17.21
N ARG A 224 -16.95 -24.68 17.52
CA ARG A 224 -17.83 -25.39 16.54
C ARG A 224 -19.02 -24.52 16.12
N ASP A 225 -19.37 -23.49 16.89
CA ASP A 225 -20.56 -22.69 16.59
C ASP A 225 -20.23 -21.30 15.97
N ARG A 226 -18.97 -21.12 15.56
CA ARG A 226 -18.50 -19.87 14.90
C ARG A 226 -19.26 -19.72 13.58
N ASP A 227 -19.45 -18.46 13.17
CA ASP A 227 -20.23 -18.15 11.97
C ASP A 227 -19.74 -16.90 11.25
N GLY A 228 -18.42 -16.62 11.30
CA GLY A 228 -17.90 -15.46 10.63
C GLY A 228 -17.18 -14.50 11.59
N PHE A 229 -16.47 -13.53 11.00
CA PHE A 229 -15.68 -12.59 11.76
C PHE A 229 -16.55 -11.44 12.26
N VAL A 230 -15.99 -10.70 13.22
CA VAL A 230 -16.62 -9.53 13.84
C VAL A 230 -15.75 -8.35 13.42
N LEU A 231 -16.38 -7.34 12.81
CA LEU A 231 -15.70 -6.16 12.29
C LEU A 231 -15.38 -5.16 13.40
N SER A 232 -14.10 -4.77 13.49
CA SER A 232 -13.63 -3.85 14.52
C SER A 232 -12.75 -2.76 13.94
N ASP A 233 -12.62 -1.68 14.72
CA ASP A 233 -11.98 -0.46 14.32
C ASP A 233 -10.80 -0.20 15.26
N GLY A 234 -9.80 0.52 14.75
CA GLY A 234 -8.71 1.00 15.58
C GLY A 234 -7.39 1.08 14.83
N SER A 235 -6.30 0.98 15.58
CA SER A 235 -4.99 1.20 15.04
C SER A 235 -3.91 0.67 15.94
N GLY A 236 -2.78 0.33 15.33
CA GLY A 236 -1.60 -0.05 16.07
C GLY A 236 -0.39 0.53 15.37
N ALA A 237 0.60 0.94 16.15
CA ALA A 237 1.83 1.47 15.61
C ALA A 237 2.99 1.04 16.50
N LEU A 238 4.11 0.68 15.86
CA LEU A 238 5.35 0.34 16.57
CA LEU A 238 5.35 0.34 16.55
C LEU A 238 6.45 1.25 16.08
N VAL A 239 7.34 1.63 17.01
CA VAL A 239 8.61 2.23 16.66
C VAL A 239 9.64 1.09 16.57
N LEU A 240 10.10 0.85 15.34
CA LEU A 240 11.15 -0.10 15.00
CA LEU A 240 11.15 -0.10 15.00
C LEU A 240 12.44 0.69 14.91
N GLU A 241 13.53 0.11 15.41
CA GLU A 241 14.77 0.86 15.52
C GLU A 241 15.95 -0.04 15.40
N GLU A 242 16.99 0.41 14.70
CA GLU A 242 18.21 -0.35 14.59
C GLU A 242 18.82 -0.54 16.01
N LEU A 243 19.37 -1.73 16.28
CA LEU A 243 19.75 -2.11 17.65
C LEU A 243 20.78 -1.15 18.26
N GLU A 244 21.86 -0.86 17.52
CA GLU A 244 22.91 0.00 18.06
C GLU A 244 22.43 1.44 18.26
N HIS A 245 21.54 1.89 17.36
CA HIS A 245 20.88 3.19 17.46
C HIS A 245 20.10 3.28 18.76
N ALA A 246 19.34 2.22 19.05
CA ALA A 246 18.54 2.13 20.28
C ALA A 246 19.47 2.15 21.50
N ARG A 247 20.52 1.34 21.47
CA ARG A 247 21.44 1.20 22.63
C ARG A 247 22.15 2.53 22.91
N ALA A 248 22.51 3.25 21.85
CA ALA A 248 23.30 4.48 21.95
C ALA A 248 22.55 5.59 22.64
N ARG A 249 21.22 5.60 22.52
CA ARG A 249 20.39 6.66 23.15
C ARG A 249 19.75 6.14 24.44
N GLY A 250 20.10 4.93 24.88
CA GLY A 250 19.57 4.32 26.10
C GLY A 250 18.06 4.04 26.04
N ALA A 251 17.58 3.66 24.85
CA ALA A 251 16.18 3.32 24.68
C ALA A 251 15.82 2.06 25.46
N ARG A 252 14.56 2.02 25.91
CA ARG A 252 13.94 0.78 26.47
CA ARG A 252 13.94 0.78 26.47
C ARG A 252 13.54 -0.12 25.30
N ILE A 253 14.04 -1.35 25.28
CA ILE A 253 13.79 -2.31 24.22
C ILE A 253 12.80 -3.32 24.71
N TYR A 254 11.65 -3.40 24.02
CA TYR A 254 10.61 -4.38 24.38
C TYR A 254 10.96 -5.79 23.90
N ALA A 255 11.51 -5.90 22.68
CA ALA A 255 11.77 -7.18 22.05
C ALA A 255 12.49 -6.93 20.74
N GLU A 256 12.95 -8.02 20.12
CA GLU A 256 13.65 -7.97 18.86
C GLU A 256 12.75 -8.57 17.80
N LEU A 257 12.76 -7.95 16.62
CA LEU A 257 12.06 -8.47 15.45
CA LEU A 257 12.06 -8.47 15.47
C LEU A 257 13.08 -9.24 14.64
N VAL A 258 12.95 -10.57 14.64
CA VAL A 258 13.94 -11.47 14.05
C VAL A 258 13.61 -12.12 12.72
N GLY A 259 12.32 -12.21 12.38
CA GLY A 259 11.88 -12.84 11.15
C GLY A 259 10.65 -12.20 10.52
N PHE A 260 10.59 -12.27 9.19
CA PHE A 260 9.45 -11.77 8.44
C PHE A 260 9.32 -12.66 7.21
N GLY A 261 8.10 -13.17 7.02
CA GLY A 261 7.77 -13.97 5.86
C GLY A 261 6.55 -13.45 5.14
N MET A 262 6.54 -13.70 3.83
CA MET A 262 5.42 -13.39 2.92
C MET A 262 5.17 -14.57 1.99
N SER A 263 3.93 -14.72 1.55
CA SER A 263 3.59 -15.69 0.51
C SER A 263 2.27 -15.28 -0.12
N GLY A 264 1.94 -15.93 -1.25
CA GLY A 264 0.65 -15.87 -1.88
C GLY A 264 0.11 -17.30 -2.00
N ASP A 265 -1.16 -17.47 -1.60
CA ASP A 265 -1.91 -18.72 -1.78
C ASP A 265 -2.07 -19.09 -3.24
N ALA A 266 -2.32 -18.08 -4.08
CA ALA A 266 -2.72 -18.24 -5.46
C ALA A 266 -3.87 -19.24 -5.61
N PHE A 267 -4.91 -19.06 -4.78
CA PHE A 267 -5.99 -20.04 -4.69
C PHE A 267 -7.35 -19.44 -5.02
N HIS A 268 -7.79 -18.47 -4.22
CA HIS A 268 -9.15 -17.90 -4.31
C HIS A 268 -9.13 -16.47 -3.79
N MET A 269 -10.04 -15.65 -4.31
CA MET A 269 -10.11 -14.23 -3.92
C MET A 269 -10.48 -13.98 -2.46
N THR A 270 -11.29 -14.87 -1.88
CA THR A 270 -11.83 -14.68 -0.53
C THR A 270 -11.77 -15.89 0.40
N ALA A 271 -11.00 -16.91 0.03
CA ALA A 271 -10.93 -18.09 0.90
C ALA A 271 -9.55 -18.69 0.79
N PRO A 272 -9.02 -19.31 1.87
CA PRO A 272 -7.74 -19.97 1.80
C PRO A 272 -7.92 -21.42 1.34
N PRO A 273 -6.85 -22.09 0.91
CA PRO A 273 -6.94 -23.53 0.63
C PRO A 273 -7.23 -24.25 1.95
N GLU A 274 -7.94 -25.38 1.91
CA GLU A 274 -8.32 -26.06 3.19
C GLU A 274 -7.09 -26.44 4.03
N ASP A 275 -5.99 -26.79 3.39
CA ASP A 275 -4.78 -27.18 4.12
C ASP A 275 -3.87 -26.01 4.54
N GLY A 276 -4.29 -24.77 4.24
CA GLY A 276 -3.51 -23.59 4.57
C GLY A 276 -2.09 -23.59 4.02
N ALA A 277 -1.90 -24.19 2.85
CA ALA A 277 -0.58 -24.36 2.26
C ALA A 277 0.20 -23.04 2.14
N GLY A 278 -0.49 -21.97 1.73
CA GLY A 278 0.12 -20.66 1.61
C GLY A 278 0.58 -20.14 2.95
N ALA A 279 -0.29 -20.28 3.96
CA ALA A 279 0.08 -19.86 5.32
C ALA A 279 1.31 -20.61 5.83
N ALA A 280 1.36 -21.91 5.52
CA ALA A 280 2.50 -22.77 5.91
C ALA A 280 3.77 -22.26 5.26
N ARG A 281 3.76 -21.94 3.96
CA ARG A 281 4.95 -21.41 3.27
C ARG A 281 5.37 -20.10 3.93
N CYS A 282 4.40 -19.26 4.27
CA CYS A 282 4.69 -17.95 4.83
C CYS A 282 5.40 -18.12 6.17
N MET A 283 4.83 -18.95 7.05
CA MET A 283 5.46 -19.21 8.35
C MET A 283 6.86 -19.78 8.22
N LYS A 284 7.06 -20.74 7.31
CA LYS A 284 8.39 -21.32 7.10
C LYS A 284 9.37 -20.27 6.62
N ASN A 285 8.94 -19.40 5.68
CA ASN A 285 9.81 -18.29 5.28
C ASN A 285 10.25 -17.43 6.48
N ALA A 286 9.31 -17.13 7.38
CA ALA A 286 9.60 -16.27 8.53
C ALA A 286 10.56 -17.03 9.49
N LEU A 287 10.32 -18.32 9.71
CA LEU A 287 11.19 -19.10 10.62
C LEU A 287 12.61 -19.19 10.08
N ARG A 288 12.73 -19.50 8.79
CA ARG A 288 14.08 -19.57 8.14
C ARG A 288 14.74 -18.19 8.19
N ASP A 289 13.99 -17.11 7.93
CA ASP A 289 14.52 -15.75 8.02
C ASP A 289 15.13 -15.46 9.38
N ALA A 290 14.50 -15.98 10.43
CA ALA A 290 14.95 -15.81 11.82
C ALA A 290 16.03 -16.82 12.27
N GLY A 291 16.38 -17.77 11.40
CA GLY A 291 17.37 -18.80 11.68
C GLY A 291 16.99 -19.73 12.80
N LEU A 292 15.70 -20.07 12.87
CA LEU A 292 15.17 -20.83 13.97
C LEU A 292 14.89 -22.28 13.62
N ASP A 293 14.90 -23.11 14.66
CA ASP A 293 14.30 -24.42 14.69
C ASP A 293 12.85 -24.13 15.02
N PRO A 294 11.86 -24.69 14.30
CA PRO A 294 10.45 -24.46 14.62
C PRO A 294 10.11 -24.75 16.09
N ARG A 295 10.85 -25.65 16.73
CA ARG A 295 10.62 -26.01 18.16
C ARG A 295 10.94 -24.83 19.10
N GLN A 296 11.58 -23.78 18.58
CA GLN A 296 11.84 -22.58 19.39
C GLN A 296 10.60 -21.69 19.60
N VAL A 297 9.57 -21.85 18.78
CA VAL A 297 8.37 -21.02 18.87
C VAL A 297 7.55 -21.50 20.08
N ASP A 298 7.28 -20.56 20.99
CA ASP A 298 6.53 -20.81 22.21
C ASP A 298 5.09 -20.34 22.13
N TYR A 299 4.85 -19.24 21.40
CA TYR A 299 3.50 -18.60 21.31
C TYR A 299 3.23 -18.20 19.87
N ILE A 300 2.02 -18.50 19.40
CA ILE A 300 1.52 -17.97 18.13
C ILE A 300 0.29 -17.13 18.40
N ASN A 301 0.33 -15.85 18.01
CA ASN A 301 -0.85 -15.03 17.89
C ASN A 301 -1.42 -15.31 16.51
N ALA A 302 -2.49 -16.11 16.46
CA ALA A 302 -3.10 -16.54 15.20
C ALA A 302 -3.80 -15.41 14.51
N HIS A 303 -4.07 -15.58 13.21
CA HIS A 303 -5.00 -14.63 12.52
C HIS A 303 -6.41 -14.88 13.12
N GLY A 304 -6.86 -16.15 13.33
CA GLY A 304 -8.07 -16.48 14.13
C GLY A 304 -9.29 -15.61 13.88
N THR A 305 -9.76 -15.50 12.65
CA THR A 305 -10.87 -14.56 12.35
C THR A 305 -12.25 -15.07 12.80
N SER A 306 -12.40 -16.35 13.17
CA SER A 306 -13.74 -16.91 13.55
C SER A 306 -14.59 -17.24 12.34
N THR A 307 -13.98 -17.28 11.14
CA THR A 307 -14.68 -17.83 9.98
C THR A 307 -14.60 -19.35 10.02
N PRO A 308 -15.62 -20.04 9.48
CA PRO A 308 -15.58 -21.50 9.36
C PRO A 308 -14.34 -22.03 8.62
N ALA A 309 -14.07 -21.51 7.42
CA ALA A 309 -12.98 -22.04 6.63
C ALA A 309 -11.59 -21.54 7.05
N GLY A 310 -11.51 -20.28 7.47
CA GLY A 310 -10.24 -19.67 7.84
C GLY A 310 -9.57 -20.31 9.03
N ASP A 311 -10.33 -20.56 10.09
CA ASP A 311 -9.74 -21.00 11.34
C ASP A 311 -9.16 -22.38 11.20
N ILE A 312 -9.86 -23.28 10.50
CA ILE A 312 -9.34 -24.62 10.32
C ILE A 312 -8.15 -24.71 9.36
N ALA A 313 -8.12 -23.84 8.34
CA ALA A 313 -6.93 -23.74 7.48
C ALA A 313 -5.68 -23.41 8.25
N GLU A 314 -5.81 -22.50 9.22
CA GLU A 314 -4.65 -22.07 10.02
C GLU A 314 -4.17 -23.19 10.94
N ILE A 315 -5.09 -23.94 11.56
CA ILE A 315 -4.69 -25.14 12.30
C ILE A 315 -3.88 -26.08 11.42
N ALA A 316 -4.39 -26.33 10.20
CA ALA A 316 -3.70 -27.26 9.30
C ALA A 316 -2.28 -26.75 9.00
N ALA A 317 -2.14 -25.44 8.77
CA ALA A 317 -0.85 -24.82 8.44
C ALA A 317 0.12 -24.95 9.60
N VAL A 318 -0.37 -24.68 10.81
CA VAL A 318 0.46 -24.79 12.00
C VAL A 318 0.92 -26.24 12.20
N LYS A 319 0.04 -27.20 11.98
CA LYS A 319 0.42 -28.61 12.11
C LYS A 319 1.48 -29.00 11.09
N SER A 320 1.35 -28.45 9.87
CA SER A 320 2.30 -28.74 8.80
CA SER A 320 2.30 -28.72 8.79
C SER A 320 3.70 -28.19 9.13
N VAL A 321 3.76 -26.95 9.64
CA VAL A 321 5.01 -26.28 9.92
C VAL A 321 5.73 -26.84 11.16
N PHE A 322 4.96 -27.17 12.18
CA PHE A 322 5.52 -27.48 13.49
C PHE A 322 5.53 -28.96 13.88
N GLY A 323 4.77 -29.79 13.16
CA GLY A 323 4.76 -31.21 13.45
C GLY A 323 4.25 -31.45 14.86
N GLU A 324 4.91 -32.36 15.59
CA GLU A 324 4.52 -32.66 16.98
C GLU A 324 4.68 -31.46 17.90
N HIS A 325 5.57 -30.53 17.55
CA HIS A 325 5.75 -29.32 18.35
C HIS A 325 4.48 -28.47 18.34
N ALA A 326 3.59 -28.67 17.36
CA ALA A 326 2.32 -27.93 17.35
C ALA A 326 1.55 -28.13 18.64
N HIS A 327 1.77 -29.27 19.32
CA HIS A 327 1.12 -29.58 20.60
C HIS A 327 1.80 -29.03 21.84
N ALA A 328 2.99 -28.43 21.68
CA ALA A 328 3.79 -27.89 22.77
C ALA A 328 3.65 -26.38 22.88
N LEU A 329 3.67 -25.71 21.73
CA LEU A 329 3.44 -24.27 21.70
C LEU A 329 2.01 -23.95 22.16
N SER A 330 1.79 -22.69 22.49
CA SER A 330 0.47 -22.13 22.73
C SER A 330 0.13 -21.22 21.58
N MET A 331 -1.12 -21.31 21.13
CA MET A 331 -1.64 -20.47 20.06
C MET A 331 -2.98 -19.87 20.50
N SER A 332 -3.15 -18.54 20.37
CA SER A 332 -4.45 -17.96 20.64
C SER A 332 -4.81 -16.88 19.67
N SER A 333 -6.12 -16.59 19.60
CA SER A 333 -6.62 -15.51 18.82
C SER A 333 -7.19 -14.46 19.72
N THR A 334 -6.53 -13.32 19.74
CA THR A 334 -7.01 -12.16 20.45
C THR A 334 -8.20 -11.49 19.77
N LYS A 335 -8.49 -11.87 18.52
CA LYS A 335 -9.73 -11.43 17.86
C LYS A 335 -10.99 -11.94 18.59
N SER A 336 -10.83 -12.99 19.39
CA SER A 336 -11.92 -13.44 20.29
C SER A 336 -12.45 -12.29 21.17
N MET A 337 -11.56 -11.37 21.54
CA MET A 337 -11.86 -10.23 22.39
C MET A 337 -12.00 -8.89 21.63
N THR A 338 -11.09 -8.65 20.67
CA THR A 338 -11.04 -7.35 19.99
C THR A 338 -11.92 -7.30 18.75
N GLY A 339 -12.30 -8.48 18.24
CA GLY A 339 -12.80 -8.59 16.89
C GLY A 339 -11.67 -8.33 15.90
N HIS A 340 -12.04 -8.12 14.63
CA HIS A 340 -11.11 -8.14 13.51
C HIS A 340 -10.87 -6.72 13.04
N LEU A 341 -9.70 -6.16 13.34
CA LEU A 341 -9.38 -4.79 12.99
C LEU A 341 -8.89 -4.63 11.53
N LEU A 342 -9.06 -5.67 10.73
CA LEU A 342 -8.79 -5.65 9.29
C LEU A 342 -7.32 -5.25 9.07
N GLY A 343 -7.08 -4.13 8.39
CA GLY A 343 -5.71 -3.71 8.10
C GLY A 343 -4.90 -3.38 9.34
N ALA A 344 -5.58 -3.11 10.47
CA ALA A 344 -4.91 -2.83 11.74
C ALA A 344 -4.73 -4.08 12.60
N ALA A 345 -5.31 -5.20 12.19
CA ALA A 345 -5.26 -6.42 12.98
C ALA A 345 -3.84 -6.85 13.24
N GLY A 346 -3.02 -6.89 12.18
CA GLY A 346 -1.64 -7.33 12.31
C GLY A 346 -0.82 -6.39 13.17
N ALA A 347 -1.20 -5.11 13.21
CA ALA A 347 -0.50 -4.14 14.01
C ALA A 347 -0.78 -4.33 15.50
N VAL A 348 -2.06 -4.37 15.87
CA VAL A 348 -2.42 -4.59 17.29
C VAL A 348 -1.93 -5.94 17.78
N GLU A 349 -1.98 -6.97 16.91
CA GLU A 349 -1.57 -8.29 17.29
C GLU A 349 -0.03 -8.47 17.38
N ALA A 350 0.72 -7.68 16.60
CA ALA A 350 2.17 -7.56 16.82
C ALA A 350 2.45 -7.02 18.20
N ILE A 351 1.70 -5.97 18.58
CA ILE A 351 1.86 -5.38 19.90
C ILE A 351 1.58 -6.45 20.96
N PHE A 352 0.48 -7.18 20.79
CA PHE A 352 0.11 -8.21 21.78
C PHE A 352 1.18 -9.30 21.89
N SER A 353 1.81 -9.63 20.75
CA SER A 353 2.87 -10.63 20.74
C SER A 353 4.12 -10.12 21.48
N VAL A 354 4.43 -8.84 21.31
CA VAL A 354 5.55 -8.20 22.01
C VAL A 354 5.26 -8.21 23.53
N LEU A 355 4.03 -7.88 23.91
CA LEU A 355 3.62 -7.88 25.32
C LEU A 355 3.57 -9.28 25.95
N ALA A 356 3.22 -10.30 25.16
CA ALA A 356 3.33 -11.68 25.59
C ALA A 356 4.77 -12.02 25.98
N LEU A 357 5.74 -11.54 25.19
CA LEU A 357 7.15 -11.64 25.51
C LEU A 357 7.54 -10.88 26.79
N ARG A 358 7.15 -9.59 26.87
CA ARG A 358 7.46 -8.77 28.09
C ARG A 358 6.90 -9.46 29.34
N ASP A 359 5.65 -9.92 29.29
CA ASP A 359 4.96 -10.37 30.50
C ASP A 359 4.97 -11.90 30.70
N GLN A 360 5.57 -12.62 29.75
CA GLN A 360 5.61 -14.08 29.77
C GLN A 360 4.24 -14.67 30.03
N VAL A 361 3.30 -14.35 29.13
CA VAL A 361 1.93 -14.79 29.25
C VAL A 361 1.28 -14.93 27.89
N ALA A 362 0.61 -16.04 27.67
CA ALA A 362 -0.21 -16.25 26.45
C ALA A 362 -1.61 -15.71 26.69
N PRO A 363 -2.04 -14.71 25.90
CA PRO A 363 -3.41 -14.20 25.96
C PRO A 363 -4.40 -15.31 25.62
N PRO A 364 -5.64 -15.27 26.15
CA PRO A 364 -6.62 -16.32 25.88
C PRO A 364 -7.29 -16.22 24.51
N THR A 365 -7.82 -17.34 24.04
CA THR A 365 -8.92 -17.34 23.09
C THR A 365 -10.21 -17.47 23.90
N ILE A 366 -10.94 -16.36 24.08
CA ILE A 366 -12.22 -16.46 24.78
C ILE A 366 -13.26 -17.07 23.86
N ASN A 367 -14.38 -17.49 24.47
CA ASN A 367 -15.53 -18.09 23.76
C ASN A 367 -15.31 -19.47 23.16
N LEU A 368 -14.14 -20.07 23.42
CA LEU A 368 -13.77 -21.39 22.88
C LEU A 368 -14.36 -22.51 23.77
N ASP A 369 -15.69 -22.61 23.72
CA ASP A 369 -16.48 -23.48 24.57
C ASP A 369 -16.37 -24.95 24.15
N ASN A 370 -16.41 -25.19 22.83
CA ASN A 370 -16.39 -26.51 22.21
C ASN A 370 -15.50 -26.47 20.97
N PRO A 371 -14.18 -26.74 21.13
CA PRO A 371 -13.27 -26.75 19.97
C PRO A 371 -13.82 -27.66 18.86
N ASP A 372 -13.72 -27.20 17.61
CA ASP A 372 -14.24 -27.91 16.46
C ASP A 372 -13.31 -29.08 16.14
N GLU A 373 -13.76 -29.94 15.22
CA GLU A 373 -13.01 -31.10 14.79
C GLU A 373 -11.61 -30.68 14.32
N GLY A 374 -10.59 -31.37 14.83
CA GLY A 374 -9.19 -31.14 14.47
C GLY A 374 -8.53 -29.97 15.17
N CYS A 375 -9.32 -29.17 15.91
CA CYS A 375 -8.83 -28.00 16.59
C CYS A 375 -8.38 -28.39 18.00
N ASP A 376 -7.31 -29.21 18.05
CA ASP A 376 -6.95 -29.92 19.28
C ASP A 376 -5.58 -29.49 19.83
N LEU A 377 -5.17 -28.27 19.47
CA LEU A 377 -3.92 -27.71 19.97
C LEU A 377 -4.21 -26.99 21.30
N ASP A 378 -3.17 -26.51 21.95
CA ASP A 378 -3.33 -25.65 23.10
C ASP A 378 -3.70 -24.26 22.55
N LEU A 379 -5.00 -23.96 22.56
CA LEU A 379 -5.55 -22.72 22.02
C LEU A 379 -5.87 -21.69 23.14
N VAL A 380 -5.31 -21.95 24.32
CA VAL A 380 -5.40 -21.04 25.47
C VAL A 380 -6.84 -20.64 25.71
N ALA A 381 -7.71 -21.63 25.75
CA ALA A 381 -9.13 -21.38 25.93
C ALA A 381 -9.44 -20.66 27.25
N HIS A 382 -10.21 -19.58 27.14
CA HIS A 382 -10.93 -18.89 28.22
C HIS A 382 -10.06 -17.93 29.05
N GLU A 383 -8.87 -18.38 29.48
CA GLU A 383 -8.05 -17.66 30.44
C GLU A 383 -6.63 -17.52 30.02
N ALA A 384 -6.05 -16.33 30.25
CA ALA A 384 -4.63 -16.09 30.02
C ALA A 384 -3.81 -17.15 30.71
N LYS A 385 -2.71 -17.54 30.09
CA LYS A 385 -1.82 -18.57 30.61
C LYS A 385 -0.38 -18.10 30.74
N PRO A 386 0.10 -17.77 31.96
CA PRO A 386 1.53 -17.57 32.17
C PRO A 386 2.33 -18.79 31.73
N ARG A 387 3.34 -18.59 30.88
CA ARG A 387 4.28 -19.64 30.45
C ARG A 387 5.59 -18.98 29.96
N LYS A 388 6.62 -19.80 29.77
CA LYS A 388 7.85 -19.34 29.14
C LYS A 388 7.59 -19.05 27.67
N ILE A 389 7.96 -17.85 27.24
CA ILE A 389 7.88 -17.43 25.86
C ILE A 389 9.16 -16.72 25.49
N ASP A 390 10.01 -17.40 24.71
CA ASP A 390 11.22 -16.80 24.16
C ASP A 390 11.01 -16.28 22.72
N VAL A 391 10.14 -16.97 21.98
CA VAL A 391 9.84 -16.66 20.59
C VAL A 391 8.31 -16.65 20.39
N ALA A 392 7.80 -15.53 19.84
CA ALA A 392 6.39 -15.37 19.53
C ALA A 392 6.27 -15.08 18.02
N LEU A 393 5.28 -15.72 17.38
N LEU A 393 5.30 -15.75 17.38
CA LEU A 393 5.02 -15.56 15.96
CA LEU A 393 5.00 -15.56 15.96
C LEU A 393 3.60 -15.01 15.82
C LEU A 393 3.61 -14.99 15.83
N SER A 394 3.41 -14.10 14.85
CA SER A 394 2.14 -13.49 14.59
C SER A 394 1.82 -13.60 13.11
N ASN A 395 0.66 -14.19 12.82
CA ASN A 395 0.19 -14.38 11.43
C ASN A 395 -0.92 -13.38 11.04
N SER A 396 -0.88 -12.90 9.80
CA SER A 396 -2.03 -12.27 9.14
C SER A 396 -2.20 -12.84 7.73
N PHE A 397 -3.45 -13.07 7.32
CA PHE A 397 -3.82 -13.52 5.98
C PHE A 397 -4.89 -12.57 5.44
N GLY A 398 -4.98 -12.46 4.11
CA GLY A 398 -5.88 -11.49 3.50
C GLY A 398 -6.54 -11.97 2.24
N PHE A 399 -7.66 -11.33 1.90
CA PHE A 399 -8.32 -11.54 0.63
C PHE A 399 -7.26 -11.34 -0.46
N GLY A 400 -7.37 -12.15 -1.51
CA GLY A 400 -6.34 -12.19 -2.53
C GLY A 400 -5.30 -13.31 -2.29
N GLY A 401 -5.34 -13.95 -1.11
CA GLY A 401 -4.39 -14.98 -0.76
C GLY A 401 -3.06 -14.44 -0.26
N THR A 402 -3.04 -13.18 0.17
CA THR A 402 -1.81 -12.54 0.60
C THR A 402 -1.53 -12.78 2.09
N ASN A 403 -0.33 -13.30 2.39
CA ASN A 403 0.01 -13.78 3.73
C ASN A 403 1.25 -13.11 4.25
N GLY A 404 1.29 -12.93 5.57
CA GLY A 404 2.42 -12.38 6.27
C GLY A 404 2.60 -12.99 7.63
N THR A 405 3.87 -13.15 8.04
CA THR A 405 4.18 -13.69 9.37
C THR A 405 5.34 -12.87 9.95
N LEU A 406 5.21 -12.48 11.21
CA LEU A 406 6.32 -11.87 11.95
C LEU A 406 6.77 -12.76 13.08
N VAL A 407 8.09 -12.71 13.37
CA VAL A 407 8.65 -13.47 14.44
C VAL A 407 9.45 -12.49 15.33
N PHE A 408 9.07 -12.47 16.61
CA PHE A 408 9.67 -11.66 17.63
C PHE A 408 10.35 -12.55 18.65
N ARG A 409 11.37 -12.02 19.31
CA ARG A 409 12.13 -12.82 20.31
C ARG A 409 12.52 -11.91 21.49
N ARG A 410 12.60 -12.47 22.69
CA ARG A 410 13.08 -11.71 23.88
C ARG A 410 14.46 -11.13 23.58
N PHE A 411 14.70 -9.88 23.99
CA PHE A 411 15.98 -9.28 23.79
C PHE A 411 16.80 -9.25 25.09
N ALA A 412 18.01 -9.80 25.02
CA ALA A 412 19.13 -9.67 25.96
C ALA A 412 20.40 -10.13 25.23
N SER B 1 26.04 -6.85 -0.06
CA SER B 1 25.96 -7.57 -1.38
C SER B 1 24.49 -7.82 -1.78
N ARG B 2 24.24 -7.71 -3.08
CA ARG B 2 22.91 -7.42 -3.67
C ARG B 2 22.88 -7.92 -5.12
N ARG B 3 21.82 -8.62 -5.52
CA ARG B 3 21.67 -9.15 -6.90
C ARG B 3 21.15 -8.07 -7.85
N ARG B 4 21.50 -8.22 -9.13
CA ARG B 4 21.19 -7.24 -10.18
C ARG B 4 19.79 -7.52 -10.72
N VAL B 5 19.08 -6.45 -11.06
CA VAL B 5 17.67 -6.51 -11.43
C VAL B 5 17.50 -5.92 -12.82
N VAL B 6 16.87 -6.68 -13.73
CA VAL B 6 16.65 -6.21 -15.08
C VAL B 6 15.18 -6.27 -15.44
N ILE B 7 14.84 -5.55 -16.52
CA ILE B 7 13.45 -5.48 -17.01
C ILE B 7 13.38 -6.38 -18.22
N THR B 8 12.47 -7.38 -18.19
CA THR B 8 12.34 -8.32 -19.29
C THR B 8 10.98 -8.33 -19.97
N GLY B 9 10.03 -7.57 -19.44
CA GLY B 9 8.68 -7.48 -20.01
C GLY B 9 8.02 -6.21 -19.55
N MET B 10 7.16 -5.64 -20.40
CA MET B 10 6.41 -4.44 -20.06
C MET B 10 5.01 -4.51 -20.68
N GLY B 11 4.06 -3.85 -20.03
CA GLY B 11 2.69 -3.79 -20.51
C GLY B 11 2.07 -2.50 -20.05
N MET B 12 1.05 -2.04 -20.78
CA MET B 12 0.45 -0.71 -20.54
C MET B 12 -0.93 -0.57 -21.13
N LEU B 13 -1.76 0.21 -20.44
CA LEU B 13 -2.94 0.88 -21.02
C LEU B 13 -2.77 2.35 -20.74
N SER B 14 -2.87 3.19 -21.77
CA SER B 14 -2.72 4.63 -21.56
C SER B 14 -3.69 5.38 -22.47
N PRO B 15 -3.82 6.71 -22.26
CA PRO B 15 -4.60 7.53 -23.17
C PRO B 15 -4.03 7.55 -24.59
N LEU B 16 -2.79 7.07 -24.77
CA LEU B 16 -2.17 7.04 -26.12
C LEU B 16 -2.24 5.67 -26.82
N GLY B 17 -2.66 4.64 -26.09
CA GLY B 17 -2.67 3.31 -26.67
C GLY B 17 -3.00 2.18 -25.72
N LEU B 18 -3.42 1.04 -26.29
CA LEU B 18 -3.80 -0.14 -25.54
C LEU B 18 -2.64 -1.13 -25.29
N ASP B 19 -1.42 -0.70 -25.61
CA ASP B 19 -0.23 -1.44 -25.30
C ASP B 19 0.99 -0.51 -25.30
N VAL B 20 2.15 -1.07 -25.02
CA VAL B 20 3.33 -0.25 -24.94
C VAL B 20 3.74 0.34 -26.29
N PRO B 21 3.93 -0.48 -27.35
N PRO B 21 3.98 -0.48 -27.34
CA PRO B 21 4.40 0.09 -28.63
CA PRO B 21 4.40 0.07 -28.64
C PRO B 21 3.50 1.21 -29.15
C PRO B 21 3.49 1.20 -29.18
N SER B 22 2.17 1.05 -29.05
CA SER B 22 1.25 2.06 -29.59
C SER B 22 1.38 3.35 -28.78
N SER B 23 1.45 3.22 -27.45
CA SER B 23 1.62 4.38 -26.59
C SER B 23 2.96 5.12 -26.91
N TRP B 24 4.03 4.35 -27.09
CA TRP B 24 5.36 4.91 -27.29
C TRP B 24 5.44 5.60 -28.65
N GLU B 25 4.73 5.05 -29.64
CA GLU B 25 4.66 5.71 -30.93
C GLU B 25 4.06 7.11 -30.72
N GLY B 26 2.98 7.18 -29.95
CA GLY B 26 2.37 8.45 -29.63
C GLY B 26 3.30 9.41 -28.94
N ILE B 27 4.01 8.92 -27.92
CA ILE B 27 4.99 9.72 -27.20
C ILE B 27 6.01 10.37 -28.16
N LEU B 28 6.60 9.56 -29.03
CA LEU B 28 7.66 10.05 -29.91
C LEU B 28 7.12 11.02 -30.96
N ALA B 29 5.84 10.91 -31.29
CA ALA B 29 5.16 11.79 -32.24
C ALA B 29 4.66 13.11 -31.62
N GLY B 30 4.78 13.26 -30.29
CA GLY B 30 4.25 14.42 -29.57
C GLY B 30 2.74 14.51 -29.53
N ARG B 31 2.11 13.34 -29.63
CA ARG B 31 0.63 13.21 -29.73
C ARG B 31 0.02 13.37 -28.35
N SER B 32 -1.11 14.06 -28.29
CA SER B 32 -1.88 14.17 -27.05
C SER B 32 -2.88 13.07 -26.95
N GLY B 33 -3.04 12.51 -25.74
CA GLY B 33 -4.12 11.58 -25.47
C GLY B 33 -5.29 12.16 -24.74
N ILE B 34 -5.36 13.49 -24.67
CA ILE B 34 -6.36 14.20 -23.89
C ILE B 34 -7.56 14.59 -24.77
N ALA B 35 -8.76 14.41 -24.23
CA ALA B 35 -9.98 14.75 -24.94
C ALA B 35 -11.14 14.96 -23.98
N PRO B 36 -12.23 15.60 -24.44
CA PRO B 36 -13.47 15.62 -23.65
C PRO B 36 -13.85 14.20 -23.21
N ILE B 37 -14.25 14.04 -21.95
CA ILE B 37 -14.64 12.77 -21.42
C ILE B 37 -16.02 12.41 -21.96
N GLU B 38 -16.15 11.17 -22.43
CA GLU B 38 -17.36 10.67 -23.10
C GLU B 38 -18.19 9.73 -22.23
N HIS B 39 -17.57 9.12 -21.22
CA HIS B 39 -18.20 8.04 -20.44
C HIS B 39 -19.05 8.46 -19.28
N MET B 40 -19.09 9.75 -19.02
CA MET B 40 -19.99 10.30 -18.05
C MET B 40 -20.26 11.76 -18.41
N ASP B 41 -21.31 12.31 -17.82
CA ASP B 41 -21.74 13.66 -18.11
C ASP B 41 -21.10 14.63 -17.16
N LEU B 42 -20.17 15.44 -17.66
CA LEU B 42 -19.47 16.42 -16.82
C LEU B 42 -19.88 17.83 -17.15
N SER B 43 -21.07 18.02 -17.73
CA SER B 43 -21.47 19.35 -18.23
CA SER B 43 -21.51 19.34 -18.22
C SER B 43 -21.45 20.42 -17.15
N ALA B 44 -21.79 20.06 -15.90
CA ALA B 44 -21.84 21.02 -14.80
C ALA B 44 -20.56 21.09 -13.97
N TYR B 45 -19.51 20.39 -14.41
CA TYR B 45 -18.17 20.38 -13.76
C TYR B 45 -17.26 21.42 -14.42
N SER B 46 -16.27 21.90 -13.67
CA SER B 46 -15.34 22.87 -14.16
C SER B 46 -14.23 22.31 -15.06
N THR B 47 -14.02 20.98 -15.02
CA THR B 47 -13.09 20.28 -15.88
C THR B 47 -13.82 19.11 -16.54
N ARG B 48 -13.81 19.05 -17.87
CA ARG B 48 -14.70 18.15 -18.63
C ARG B 48 -13.90 17.26 -19.58
N PHE B 49 -12.59 17.22 -19.41
CA PHE B 49 -11.71 16.47 -20.28
C PHE B 49 -10.71 15.76 -19.40
N GLY B 50 -10.01 14.81 -20.02
CA GLY B 50 -8.91 14.11 -19.40
C GLY B 50 -8.38 13.06 -20.34
N GLY B 51 -7.56 12.16 -19.80
CA GLY B 51 -6.94 11.14 -20.61
C GLY B 51 -7.62 9.82 -20.34
N SER B 52 -8.47 9.38 -21.27
CA SER B 52 -9.23 8.17 -21.10
C SER B 52 -8.53 7.03 -21.89
N VAL B 53 -8.73 5.80 -21.45
CA VAL B 53 -8.31 4.61 -22.22
C VAL B 53 -9.45 4.35 -23.20
N LYS B 54 -9.14 4.35 -24.49
CA LYS B 54 -10.17 4.25 -25.54
C LYS B 54 -10.17 2.88 -26.12
N GLY B 55 -11.34 2.24 -26.09
CA GLY B 55 -11.54 0.96 -26.73
C GLY B 55 -10.99 -0.26 -26.02
N PHE B 56 -10.85 -0.16 -24.71
CA PHE B 56 -10.36 -1.28 -23.90
C PHE B 56 -11.34 -2.42 -24.00
N ASN B 57 -10.82 -3.60 -24.28
CA ASN B 57 -11.63 -4.78 -24.35
C ASN B 57 -11.24 -5.81 -23.30
N VAL B 58 -11.92 -5.79 -22.15
CA VAL B 58 -11.54 -6.61 -21.03
C VAL B 58 -11.62 -8.11 -21.36
N GLU B 59 -12.49 -8.46 -22.33
CA GLU B 59 -12.68 -9.87 -22.69
C GLU B 59 -11.50 -10.49 -23.43
N GLU B 60 -10.49 -9.70 -23.77
CA GLU B 60 -9.21 -10.23 -24.20
C GLU B 60 -8.45 -10.87 -23.04
N TYR B 61 -8.82 -10.51 -21.80
CA TYR B 61 -8.10 -10.95 -20.58
C TYR B 61 -8.95 -11.82 -19.64
N LEU B 62 -10.22 -11.45 -19.46
CA LEU B 62 -11.08 -12.05 -18.47
C LEU B 62 -12.39 -12.47 -19.11
N SER B 63 -13.09 -13.40 -18.46
CA SER B 63 -14.47 -13.71 -18.83
C SER B 63 -15.37 -12.52 -18.43
N ALA B 64 -16.57 -12.45 -19.02
CA ALA B 64 -17.56 -11.46 -18.62
C ALA B 64 -17.84 -11.59 -17.12
N LYS B 65 -17.93 -12.83 -16.64
CA LYS B 65 -18.21 -13.11 -15.25
C LYS B 65 -17.12 -12.53 -14.34
N GLU B 66 -15.86 -12.78 -14.68
CA GLU B 66 -14.74 -12.29 -13.90
C GLU B 66 -14.72 -10.78 -13.95
N ALA B 67 -14.93 -10.21 -15.15
CA ALA B 67 -14.88 -8.78 -15.32
C ALA B 67 -15.93 -8.02 -14.50
N ARG B 68 -17.15 -8.56 -14.40
CA ARG B 68 -18.25 -7.93 -13.62
C ARG B 68 -17.93 -7.83 -12.13
N LYS B 69 -17.02 -8.65 -11.63
CA LYS B 69 -16.62 -8.61 -10.22
C LYS B 69 -15.62 -7.49 -9.91
N LEU B 70 -14.92 -6.99 -10.93
CA LEU B 70 -13.72 -6.19 -10.68
C LEU B 70 -13.84 -4.75 -11.15
N ASP B 71 -13.47 -3.80 -10.27
CA ASP B 71 -13.44 -2.38 -10.65
C ASP B 71 -12.54 -2.21 -11.87
N LEU B 72 -12.81 -1.17 -12.65
CA LEU B 72 -11.98 -0.82 -13.77
C LEU B 72 -10.51 -0.66 -13.42
N PHE B 73 -10.16 -0.07 -12.28
CA PHE B 73 -8.70 0.05 -12.00
C PHE B 73 -8.03 -1.32 -11.92
N ILE B 74 -8.76 -2.33 -11.44
CA ILE B 74 -8.24 -3.69 -11.34
C ILE B 74 -8.17 -4.32 -12.72
N GLN B 75 -9.22 -4.14 -13.52
CA GLN B 75 -9.16 -4.61 -14.92
C GLN B 75 -7.93 -4.06 -15.65
N TYR B 76 -7.69 -2.76 -15.50
CA TYR B 76 -6.56 -2.07 -16.19
C TYR B 76 -5.24 -2.65 -15.69
N GLY B 77 -5.10 -2.80 -14.37
CA GLY B 77 -3.90 -3.37 -13.81
C GLY B 77 -3.63 -4.79 -14.29
N LEU B 78 -4.69 -5.61 -14.35
CA LEU B 78 -4.55 -6.96 -14.84
C LEU B 78 -4.12 -6.97 -16.33
N ALA B 79 -4.74 -6.11 -17.15
CA ALA B 79 -4.41 -6.03 -18.57
C ALA B 79 -2.91 -5.75 -18.75
N ALA B 80 -2.41 -4.73 -18.06
CA ALA B 80 -0.99 -4.36 -18.16
C ALA B 80 -0.10 -5.51 -17.65
N SER B 81 -0.51 -6.16 -16.57
CA SER B 81 0.24 -7.28 -15.98
C SER B 81 0.32 -8.49 -16.94
N PHE B 82 -0.81 -8.87 -17.53
CA PHE B 82 -0.86 -9.98 -18.45
C PHE B 82 0.01 -9.66 -19.65
N GLN B 83 -0.08 -8.44 -20.16
CA GLN B 83 0.75 -8.04 -21.28
C GLN B 83 2.24 -8.17 -20.92
N ALA B 84 2.62 -7.68 -19.75
CA ALA B 84 4.05 -7.69 -19.34
C ALA B 84 4.59 -9.14 -19.20
N VAL B 85 3.81 -10.03 -18.57
CA VAL B 85 4.22 -11.41 -18.39
C VAL B 85 4.40 -12.06 -19.76
N ARG B 86 3.42 -11.88 -20.67
CA ARG B 86 3.49 -12.40 -22.06
C ARG B 86 4.77 -11.85 -22.73
N ASP B 87 4.99 -10.53 -22.66
CA ASP B 87 6.13 -9.85 -23.28
C ASP B 87 7.46 -10.41 -22.76
N SER B 88 7.47 -10.88 -21.49
CA SER B 88 8.71 -11.41 -20.89
C SER B 88 9.08 -12.81 -21.36
N GLY B 89 8.12 -13.55 -21.90
CA GLY B 89 8.31 -14.96 -22.24
C GLY B 89 8.43 -15.96 -21.12
N LEU B 90 8.31 -15.49 -19.87
CA LEU B 90 8.45 -16.33 -18.69
C LEU B 90 7.43 -17.46 -18.67
N GLU B 91 7.90 -18.67 -18.42
CA GLU B 91 7.08 -19.85 -18.19
C GLU B 91 7.04 -20.14 -16.67
N VAL B 92 5.86 -20.01 -16.09
CA VAL B 92 5.60 -20.34 -14.71
C VAL B 92 5.41 -21.84 -14.56
N THR B 93 6.11 -22.43 -13.61
CA THR B 93 6.11 -23.88 -13.34
C THR B 93 6.06 -24.12 -11.83
N ASP B 94 5.89 -25.39 -11.46
CA ASP B 94 6.04 -25.76 -10.05
C ASP B 94 7.42 -25.44 -9.51
N ALA B 95 8.44 -25.51 -10.37
CA ALA B 95 9.81 -25.28 -9.93
C ALA B 95 10.13 -23.80 -9.59
N ASN B 96 9.35 -22.86 -10.13
CA ASN B 96 9.62 -21.43 -9.89
C ASN B 96 8.50 -20.59 -9.31
N ARG B 97 7.29 -21.17 -9.16
CA ARG B 97 6.11 -20.34 -8.80
C ARG B 97 6.28 -19.69 -7.42
N GLU B 98 7.06 -20.29 -6.51
CA GLU B 98 7.28 -19.68 -5.20
C GLU B 98 8.26 -18.51 -5.26
N ARG B 99 8.91 -18.32 -6.42
CA ARG B 99 9.95 -17.27 -6.65
C ARG B 99 9.40 -16.09 -7.45
N ILE B 100 8.11 -16.11 -7.81
CA ILE B 100 7.52 -15.07 -8.64
C ILE B 100 6.40 -14.43 -7.87
N GLY B 101 6.49 -13.11 -7.66
CA GLY B 101 5.50 -12.37 -6.94
C GLY B 101 5.00 -11.15 -7.70
N VAL B 102 4.21 -10.32 -7.01
CA VAL B 102 3.48 -9.24 -7.64
CA VAL B 102 3.51 -9.23 -7.64
C VAL B 102 3.33 -8.09 -6.65
N SER B 103 3.62 -6.89 -7.13
CA SER B 103 3.40 -5.65 -6.39
C SER B 103 2.85 -4.62 -7.36
N MET B 104 1.52 -4.63 -7.51
CA MET B 104 0.79 -3.69 -8.34
C MET B 104 -0.08 -2.85 -7.40
N GLY B 105 0.03 -1.54 -7.53
CA GLY B 105 -0.61 -0.61 -6.62
C GLY B 105 -1.62 0.32 -7.26
N SER B 106 -2.23 1.15 -6.41
CA SER B 106 -3.11 2.21 -6.90
C SER B 106 -3.12 3.33 -5.87
N GLY B 107 -3.27 4.57 -6.36
CA GLY B 107 -3.37 5.74 -5.53
C GLY B 107 -4.69 5.88 -4.82
N ILE B 108 -5.79 5.74 -5.56
CA ILE B 108 -7.13 5.93 -5.00
C ILE B 108 -7.98 4.66 -5.09
N GLY B 109 -7.66 3.77 -6.02
CA GLY B 109 -8.36 2.49 -6.04
C GLY B 109 -9.78 2.58 -6.57
N GLY B 110 -10.72 1.90 -5.91
CA GLY B 110 -12.01 1.55 -6.49
C GLY B 110 -13.14 2.59 -6.45
N LEU B 111 -12.78 3.83 -6.83
CA LEU B 111 -13.71 4.97 -6.70
C LEU B 111 -14.98 4.74 -7.49
N THR B 112 -14.86 4.20 -8.71
CA THR B 112 -16.01 3.93 -9.55
C THR B 112 -16.94 2.87 -8.95
N ASN B 113 -16.42 1.72 -8.51
CA ASN B 113 -17.26 0.74 -7.84
C ASN B 113 -17.93 1.34 -6.59
N ILE B 114 -17.18 2.15 -5.83
CA ILE B 114 -17.76 2.76 -4.61
C ILE B 114 -18.90 3.70 -4.97
N GLU B 115 -18.65 4.54 -5.97
CA GLU B 115 -19.63 5.49 -6.47
C GLU B 115 -20.91 4.81 -6.95
N ASN B 116 -20.75 3.71 -7.70
CA ASN B 116 -21.91 2.94 -8.17
C ASN B 116 -22.69 2.24 -7.04
N ASN B 117 -21.98 1.78 -6.01
CA ASN B 117 -22.65 1.14 -4.89
C ASN B 117 -23.30 2.16 -3.95
N CYS B 118 -22.80 3.39 -3.97
CA CYS B 118 -23.36 4.48 -3.19
C CYS B 118 -24.81 4.78 -3.46
N ARG B 119 -25.16 4.86 -4.75
CA ARG B 119 -26.45 5.43 -5.21
C ARG B 119 -27.57 4.55 -4.67
N SER B 120 -27.50 3.24 -4.90
CA SER B 120 -28.47 2.28 -4.41
C SER B 120 -28.54 2.31 -2.89
N LEU B 121 -27.37 2.39 -2.25
CA LEU B 121 -27.31 2.36 -0.80
C LEU B 121 -28.14 3.45 -0.19
N PHE B 122 -28.08 4.67 -0.75
CA PHE B 122 -28.81 5.80 -0.16
C PHE B 122 -30.32 5.84 -0.46
N GLU B 123 -30.74 5.30 -1.59
CA GLU B 123 -32.15 5.22 -1.96
C GLU B 123 -32.83 3.97 -1.40
N GLN B 124 -32.16 2.82 -1.51
CA GLN B 124 -32.77 1.51 -1.25
C GLN B 124 -31.99 0.57 -0.30
N GLY B 125 -31.03 1.13 0.44
CA GLY B 125 -30.32 0.40 1.47
C GLY B 125 -29.33 -0.60 0.87
N PRO B 126 -28.81 -1.56 1.69
CA PRO B 126 -27.72 -2.42 1.27
C PRO B 126 -28.06 -3.67 0.45
N ARG B 127 -29.34 -3.83 0.07
CA ARG B 127 -29.86 -5.05 -0.61
C ARG B 127 -29.04 -5.36 -1.88
N ARG B 128 -28.65 -4.33 -2.63
CA ARG B 128 -28.01 -4.49 -3.96
C ARG B 128 -26.48 -4.47 -3.87
N ILE B 129 -25.90 -4.44 -2.66
CA ILE B 129 -24.44 -4.53 -2.56
C ILE B 129 -24.04 -5.90 -3.01
N SER B 130 -23.17 -5.97 -4.04
CA SER B 130 -22.69 -7.23 -4.54
C SER B 130 -21.92 -8.02 -3.49
N PRO B 131 -22.07 -9.36 -3.46
CA PRO B 131 -21.17 -10.22 -2.70
C PRO B 131 -19.69 -10.00 -3.05
N PHE B 132 -19.40 -9.47 -4.25
CA PHE B 132 -18.03 -9.25 -4.69
C PHE B 132 -17.56 -7.83 -4.51
N PHE B 133 -18.38 -6.99 -3.85
CA PHE B 133 -18.01 -5.61 -3.64
C PHE B 133 -16.60 -5.46 -3.01
N VAL B 134 -16.36 -6.18 -1.91
CA VAL B 134 -15.12 -5.95 -1.17
C VAL B 134 -13.93 -6.45 -2.00
N PRO B 135 -13.86 -7.74 -2.42
CA PRO B 135 -12.68 -8.20 -3.16
C PRO B 135 -12.53 -7.49 -4.51
N GLY B 136 -13.64 -7.05 -5.12
CA GLY B 136 -13.59 -6.35 -6.41
C GLY B 136 -13.23 -4.87 -6.37
N SER B 137 -13.01 -4.33 -5.16
CA SER B 137 -12.77 -2.89 -4.98
C SER B 137 -11.47 -2.58 -4.24
N ILE B 138 -10.94 -3.55 -3.51
CA ILE B 138 -9.71 -3.33 -2.72
C ILE B 138 -8.45 -3.31 -3.61
N ILE B 139 -7.49 -2.48 -3.21
CA ILE B 139 -6.35 -2.15 -4.04
C ILE B 139 -5.44 -3.35 -4.29
N ASN B 140 -5.35 -4.27 -3.32
CA ASN B 140 -4.48 -5.43 -3.47
C ASN B 140 -5.00 -6.52 -4.41
N MET B 141 -6.18 -6.32 -4.99
CA MET B 141 -6.75 -7.34 -5.81
C MET B 141 -6.12 -7.47 -7.21
N VAL B 142 -5.37 -6.46 -7.66
CA VAL B 142 -4.59 -6.69 -8.89
C VAL B 142 -3.56 -7.80 -8.61
N SER B 143 -2.78 -7.61 -7.53
CA SER B 143 -1.82 -8.60 -7.09
C SER B 143 -2.46 -9.91 -6.80
N GLY B 144 -3.61 -9.84 -6.10
CA GLY B 144 -4.35 -11.04 -5.75
C GLY B 144 -4.79 -11.84 -6.94
N PHE B 145 -5.55 -11.20 -7.84
CA PHE B 145 -6.12 -11.87 -8.99
C PHE B 145 -5.05 -12.37 -9.95
N LEU B 146 -4.02 -11.55 -10.19
CA LEU B 146 -2.94 -11.97 -11.04
C LEU B 146 -2.28 -13.23 -10.50
N SER B 147 -1.99 -13.23 -9.20
CA SER B 147 -1.36 -14.39 -8.58
C SER B 147 -2.23 -15.66 -8.72
N ILE B 148 -3.55 -15.49 -8.54
CA ILE B 148 -4.47 -16.63 -8.62
C ILE B 148 -4.51 -17.17 -10.04
N HIS B 149 -4.63 -16.26 -11.01
CA HIS B 149 -4.76 -16.67 -12.42
C HIS B 149 -3.50 -17.35 -12.97
N LEU B 150 -2.33 -16.83 -12.60
CA LEU B 150 -1.06 -17.33 -13.12
C LEU B 150 -0.32 -18.32 -12.20
N GLY B 151 -0.81 -18.48 -10.95
CA GLY B 151 -0.27 -19.42 -10.00
C GLY B 151 1.03 -18.91 -9.35
N LEU B 152 1.06 -17.62 -9.07
CA LEU B 152 2.24 -16.97 -8.51
C LEU B 152 2.15 -17.02 -7.00
N GLN B 153 3.17 -17.59 -6.36
CA GLN B 153 3.15 -17.79 -4.91
C GLN B 153 4.20 -17.00 -4.12
N GLY B 154 4.96 -16.14 -4.81
CA GLY B 154 5.96 -15.34 -4.16
C GLY B 154 5.32 -14.13 -3.48
N PRO B 155 6.16 -13.19 -3.02
CA PRO B 155 5.66 -12.03 -2.27
C PRO B 155 4.53 -11.33 -3.02
N ASN B 156 3.46 -11.01 -2.30
CA ASN B 156 2.23 -10.57 -2.94
C ASN B 156 1.74 -9.38 -2.12
N TYR B 157 1.85 -8.18 -2.66
CA TYR B 157 1.45 -6.96 -1.90
C TYR B 157 1.10 -5.81 -2.85
N ALA B 158 0.73 -4.68 -2.26
CA ALA B 158 0.33 -3.52 -3.01
C ALA B 158 0.69 -2.31 -2.20
N LEU B 159 1.27 -1.35 -2.90
CA LEU B 159 1.52 -0.02 -2.38
C LEU B 159 0.34 0.90 -2.69
N THR B 160 0.19 1.92 -1.84
CA THR B 160 -0.72 3.00 -2.12
C THR B 160 -0.09 4.27 -1.56
N THR B 161 0.62 4.99 -2.43
CA THR B 161 1.33 6.21 -2.06
C THR B 161 0.92 7.32 -3.03
N ALA B 162 -0.40 7.39 -3.25
CA ALA B 162 -0.98 8.43 -4.08
C ALA B 162 -0.25 8.49 -5.43
N GLN B 163 0.19 9.67 -5.86
CA GLN B 163 0.76 9.83 -7.19
C GLN B 163 2.20 9.24 -7.34
N THR B 164 2.74 8.70 -6.24
CA THR B 164 4.06 8.08 -6.22
C THR B 164 3.98 6.56 -6.36
N THR B 165 2.77 6.03 -6.29
CA THR B 165 2.55 4.61 -6.16
C THR B 165 3.33 3.73 -7.15
N GLY B 166 3.30 4.09 -8.45
CA GLY B 166 3.85 3.26 -9.48
C GLY B 166 5.37 3.11 -9.32
N THR B 167 6.00 4.21 -8.91
CA THR B 167 7.44 4.28 -8.71
C THR B 167 7.84 3.47 -7.50
N HIS B 168 7.17 3.71 -6.38
CA HIS B 168 7.46 2.94 -5.18
C HIS B 168 7.24 1.42 -5.42
N SER B 169 6.16 1.07 -6.15
CA SER B 169 5.88 -0.33 -6.43
C SER B 169 7.02 -1.06 -7.13
N ILE B 170 7.57 -0.40 -8.16
CA ILE B 170 8.66 -0.95 -8.97
C ILE B 170 9.93 -1.02 -8.13
N GLY B 171 10.21 0.05 -7.38
CA GLY B 171 11.39 0.08 -6.54
C GLY B 171 11.43 -0.98 -5.46
N MET B 172 10.31 -1.15 -4.74
CA MET B 172 10.25 -2.12 -3.66
C MET B 172 10.27 -3.57 -4.18
N ALA B 173 9.63 -3.79 -5.33
CA ALA B 173 9.72 -5.06 -6.04
C ALA B 173 11.16 -5.41 -6.43
N ALA B 174 11.91 -4.40 -6.91
CA ALA B 174 13.29 -4.59 -7.20
C ALA B 174 14.08 -5.03 -5.96
N ARG B 175 13.79 -4.43 -4.80
CA ARG B 175 14.47 -4.81 -3.54
C ARG B 175 14.19 -6.29 -3.23
N ASN B 176 12.95 -6.76 -3.41
CA ASN B 176 12.64 -8.17 -3.14
C ASN B 176 13.60 -9.08 -3.93
N ILE B 177 13.81 -8.73 -5.19
CA ILE B 177 14.69 -9.53 -6.04
C ILE B 177 16.18 -9.39 -5.60
N ALA B 178 16.61 -8.14 -5.36
CA ALA B 178 17.99 -7.86 -5.04
C ALA B 178 18.42 -8.61 -3.80
N TYR B 179 17.50 -8.75 -2.86
CA TYR B 179 17.77 -9.36 -1.52
C TYR B 179 17.42 -10.84 -1.50
N GLY B 180 16.97 -11.42 -2.61
CA GLY B 180 16.78 -12.87 -2.65
C GLY B 180 15.40 -13.41 -2.25
N GLU B 181 14.43 -12.51 -2.02
CA GLU B 181 13.08 -12.90 -1.63
C GLU B 181 12.22 -13.35 -2.79
N ALA B 182 12.65 -13.01 -4.00
CA ALA B 182 11.99 -13.42 -5.23
C ALA B 182 13.03 -13.38 -6.35
N ASP B 183 12.76 -14.11 -7.41
CA ASP B 183 13.54 -13.99 -8.65
C ASP B 183 12.90 -13.15 -9.70
N VAL B 184 11.56 -13.06 -9.64
CA VAL B 184 10.76 -12.33 -10.62
C VAL B 184 9.64 -11.62 -9.85
N MET B 185 9.39 -10.36 -10.22
CA MET B 185 8.24 -9.62 -9.71
C MET B 185 7.55 -8.89 -10.85
N VAL B 186 6.21 -8.94 -10.84
CA VAL B 186 5.38 -8.07 -11.68
C VAL B 186 5.04 -6.83 -10.86
N ALA B 187 5.41 -5.64 -11.37
CA ALA B 187 5.25 -4.42 -10.59
C ALA B 187 4.80 -3.23 -11.39
N GLY B 188 4.07 -2.33 -10.72
CA GLY B 188 3.56 -1.16 -11.37
C GLY B 188 2.34 -0.64 -10.69
N GLY B 189 1.41 -0.09 -11.48
CA GLY B 189 0.28 0.61 -10.91
C GLY B 189 -0.84 0.77 -11.90
N SER B 190 -2.04 1.03 -11.38
CA SER B 190 -3.21 1.28 -12.21
C SER B 190 -4.13 2.26 -11.54
N GLU B 191 -4.95 2.93 -12.35
CA GLU B 191 -5.86 3.94 -11.82
C GLU B 191 -7.03 4.14 -12.80
N MET B 192 -8.21 4.34 -12.22
CA MET B 192 -9.37 4.82 -12.95
CA MET B 192 -9.36 4.84 -12.94
C MET B 192 -10.20 5.64 -11.98
N ALA B 193 -9.83 6.92 -11.85
CA ALA B 193 -10.48 7.88 -10.97
C ALA B 193 -11.38 8.84 -11.72
N ALA B 194 -11.65 8.58 -13.00
CA ALA B 194 -12.52 9.45 -13.78
C ALA B 194 -14.02 9.17 -13.50
N CYS B 195 -14.47 9.73 -12.39
CA CYS B 195 -15.86 9.65 -11.97
C CYS B 195 -16.15 10.97 -11.28
N GLY B 196 -17.41 11.16 -10.87
CA GLY B 196 -17.82 12.37 -10.17
C GLY B 196 -16.97 12.67 -8.95
N LEU B 197 -16.67 11.66 -8.14
CA LEU B 197 -15.86 11.84 -6.95
C LEU B 197 -14.44 12.27 -7.27
N GLY B 198 -13.91 11.73 -8.36
CA GLY B 198 -12.56 12.04 -8.81
C GLY B 198 -12.43 13.42 -9.38
N LEU B 199 -13.21 13.71 -10.42
CA LEU B 199 -13.22 15.02 -11.04
C LEU B 199 -13.68 16.09 -10.05
N GLY B 200 -14.70 15.77 -9.26
CA GLY B 200 -15.21 16.66 -8.26
C GLY B 200 -14.26 16.91 -7.10
N GLY B 201 -13.54 15.85 -6.67
CA GLY B 201 -12.61 15.93 -5.56
C GLY B 201 -11.37 16.75 -5.90
N PHE B 202 -10.77 16.44 -7.05
CA PHE B 202 -9.60 17.18 -7.48
C PHE B 202 -9.98 18.58 -7.89
N GLY B 203 -11.20 18.76 -8.40
CA GLY B 203 -11.72 20.07 -8.78
C GLY B 203 -11.98 20.91 -7.54
N ALA B 204 -12.49 20.32 -6.47
CA ALA B 204 -12.71 21.05 -5.21
C ALA B 204 -11.40 21.55 -4.60
N ALA B 205 -10.33 20.78 -4.80
CA ALA B 205 -8.99 21.16 -4.35
C ALA B 205 -8.31 22.19 -5.27
N ARG B 206 -8.95 22.52 -6.40
CA ARG B 206 -8.48 23.50 -7.41
C ARG B 206 -7.15 23.02 -8.00
N ALA B 207 -7.01 21.72 -8.23
CA ALA B 207 -5.75 21.15 -8.68
C ALA B 207 -5.73 20.85 -10.17
N LEU B 208 -6.89 20.88 -10.83
CA LEU B 208 -7.04 20.51 -12.24
C LEU B 208 -7.01 21.71 -13.14
N SER B 209 -6.41 21.52 -14.31
CA SER B 209 -6.62 22.46 -15.42
C SER B 209 -8.10 22.56 -15.78
N THR B 210 -8.53 23.77 -16.08
CA THR B 210 -9.88 24.05 -16.55
C THR B 210 -9.86 24.61 -17.99
N ARG B 211 -8.87 24.21 -18.78
CA ARG B 211 -8.72 24.65 -20.18
C ARG B 211 -9.63 23.80 -21.11
N ASN B 212 -10.94 23.89 -20.90
CA ASN B 212 -11.91 23.05 -21.61
C ASN B 212 -11.96 23.32 -23.12
N ASP B 213 -11.66 24.56 -23.50
CA ASP B 213 -11.65 25.01 -24.88
C ASP B 213 -10.56 24.37 -25.75
N GLU B 214 -9.44 23.96 -25.12
CA GLU B 214 -8.33 23.36 -25.81
C GLU B 214 -7.73 22.24 -24.99
N PRO B 215 -8.43 21.09 -24.82
CA PRO B 215 -7.94 20.05 -23.92
C PRO B 215 -6.52 19.56 -24.24
N THR B 216 -6.12 19.54 -25.53
CA THR B 216 -4.80 18.96 -25.86
C THR B 216 -3.66 19.90 -25.47
N ARG B 217 -4.00 21.16 -25.21
CA ARG B 217 -3.05 22.20 -24.76
C ARG B 217 -3.07 22.35 -23.23
N ALA B 218 -3.95 21.64 -22.52
CA ALA B 218 -4.16 21.87 -21.10
C ALA B 218 -2.94 21.52 -20.26
N SER B 219 -2.37 20.34 -20.52
CA SER B 219 -1.20 19.85 -19.82
C SER B 219 0.05 20.48 -20.44
N ARG B 220 0.69 21.38 -19.69
CA ARG B 220 1.78 22.23 -20.25
C ARG B 220 2.83 22.44 -19.16
N PRO B 221 3.51 21.34 -18.73
CA PRO B 221 4.51 21.44 -17.66
C PRO B 221 5.58 22.51 -17.93
N TRP B 222 5.80 23.35 -16.93
CA TRP B 222 6.78 24.44 -16.93
C TRP B 222 6.40 25.64 -17.80
N ASP B 223 5.24 25.61 -18.46
CA ASP B 223 4.81 26.73 -19.30
C ASP B 223 4.16 27.76 -18.39
N ARG B 224 4.36 29.05 -18.70
CA ARG B 224 3.90 30.15 -17.81
C ARG B 224 2.36 30.17 -17.68
N ASP B 225 1.63 29.55 -18.60
CA ASP B 225 0.17 29.60 -18.59
C ASP B 225 -0.48 28.30 -18.06
N ARG B 226 0.33 27.41 -17.50
CA ARG B 226 -0.18 26.15 -16.87
C ARG B 226 -1.14 26.51 -15.73
N ASP B 227 -2.12 25.63 -15.48
CA ASP B 227 -3.16 25.92 -14.51
C ASP B 227 -3.69 24.66 -13.83
N GLY B 228 -2.84 23.65 -13.64
CA GLY B 228 -3.22 22.46 -12.96
C GLY B 228 -3.01 21.20 -13.80
N PHE B 229 -3.15 20.04 -13.16
CA PHE B 229 -2.90 18.77 -13.85
C PHE B 229 -4.12 18.34 -14.63
N VAL B 230 -3.88 17.38 -15.53
CA VAL B 230 -4.92 16.76 -16.33
C VAL B 230 -5.02 15.32 -15.85
N LEU B 231 -6.24 14.93 -15.45
CA LEU B 231 -6.50 13.61 -14.88
C LEU B 231 -6.61 12.56 -15.99
N SER B 232 -5.83 11.48 -15.87
CA SER B 232 -5.80 10.41 -16.82
C SER B 232 -5.88 9.03 -16.15
N ASP B 233 -6.20 8.03 -16.97
CA ASP B 233 -6.52 6.68 -16.52
C ASP B 233 -5.59 5.72 -17.22
N GLY B 234 -5.35 4.57 -16.58
CA GLY B 234 -4.61 3.48 -17.19
C GLY B 234 -3.78 2.68 -16.25
N SER B 235 -2.71 2.08 -16.79
CA SER B 235 -1.89 1.15 -16.04
C SER B 235 -0.56 0.91 -16.70
N GLY B 236 0.42 0.55 -15.87
CA GLY B 236 1.72 0.11 -16.36
C GLY B 236 2.19 -1.02 -15.52
N ALA B 237 2.87 -1.98 -16.14
CA ALA B 237 3.42 -3.13 -15.43
C ALA B 237 4.74 -3.50 -16.06
N LEU B 238 5.73 -3.83 -15.20
CA LEU B 238 7.02 -4.33 -15.64
CA LEU B 238 7.06 -4.29 -15.58
C LEU B 238 7.26 -5.70 -15.02
N VAL B 239 7.86 -6.58 -15.82
CA VAL B 239 8.45 -7.80 -15.28
C VAL B 239 9.92 -7.48 -14.91
N LEU B 240 10.17 -7.48 -13.61
CA LEU B 240 11.51 -7.33 -13.04
CA LEU B 240 11.50 -7.34 -13.02
C LEU B 240 12.05 -8.72 -12.75
N GLU B 241 13.34 -8.91 -13.00
CA GLU B 241 13.89 -10.26 -12.99
C GLU B 241 15.33 -10.21 -12.57
N GLU B 242 15.73 -11.15 -11.75
CA GLU B 242 17.16 -11.26 -11.40
C GLU B 242 17.98 -11.53 -12.67
N LEU B 243 19.16 -10.89 -12.77
CA LEU B 243 19.93 -10.89 -14.02
C LEU B 243 20.30 -12.29 -14.50
N GLU B 244 20.84 -13.12 -13.62
CA GLU B 244 21.28 -14.45 -14.03
C GLU B 244 20.10 -15.36 -14.39
N HIS B 245 18.98 -15.17 -13.67
CA HIS B 245 17.72 -15.85 -13.96
C HIS B 245 17.28 -15.53 -15.41
N ALA B 246 17.36 -14.23 -15.74
CA ALA B 246 17.01 -13.76 -17.07
C ALA B 246 17.96 -14.37 -18.13
N ARG B 247 19.25 -14.32 -17.85
CA ARG B 247 20.29 -14.79 -18.81
C ARG B 247 20.11 -16.29 -19.07
N ALA B 248 19.79 -17.06 -18.02
CA ALA B 248 19.72 -18.51 -18.07
C ALA B 248 18.61 -19.01 -18.96
N ARG B 249 17.54 -18.23 -19.09
CA ARG B 249 16.39 -18.60 -19.96
C ARG B 249 16.43 -17.87 -21.29
N GLY B 250 17.48 -17.08 -21.56
CA GLY B 250 17.61 -16.36 -22.81
C GLY B 250 16.58 -15.25 -22.99
N ALA B 251 16.24 -14.60 -21.88
CA ALA B 251 15.29 -13.49 -21.91
C ALA B 251 15.88 -12.30 -22.67
N ARG B 252 15.00 -11.55 -23.35
CA ARG B 252 15.33 -10.20 -23.91
C ARG B 252 15.30 -9.20 -22.75
N ILE B 253 16.39 -8.50 -22.52
CA ILE B 253 16.57 -7.56 -21.46
C ILE B 253 16.48 -6.18 -22.05
N TYR B 254 15.51 -5.39 -21.58
CA TYR B 254 15.33 -4.00 -22.06
C TYR B 254 16.34 -3.06 -21.41
N ALA B 255 16.59 -3.20 -20.12
CA ALA B 255 17.45 -2.34 -19.35
C ALA B 255 17.65 -2.87 -17.94
N GLU B 256 18.55 -2.23 -17.20
CA GLU B 256 18.82 -2.60 -15.82
C GLU B 256 18.28 -1.55 -14.89
N LEU B 257 17.69 -1.99 -13.78
CA LEU B 257 17.22 -1.10 -12.74
CA LEU B 257 17.22 -1.12 -12.73
C LEU B 257 18.31 -1.06 -11.68
N VAL B 258 19.01 0.09 -11.60
CA VAL B 258 20.18 0.23 -10.76
C VAL B 258 20.03 0.99 -9.43
N GLY B 259 19.02 1.86 -9.35
CA GLY B 259 18.79 2.67 -8.15
C GLY B 259 17.36 2.95 -7.82
N PHE B 260 17.07 3.03 -6.51
CA PHE B 260 15.76 3.38 -6.01
C PHE B 260 15.98 4.26 -4.78
N GLY B 261 15.32 5.41 -4.78
CA GLY B 261 15.32 6.32 -3.65
C GLY B 261 13.93 6.70 -3.22
N MET B 262 13.81 7.00 -1.92
CA MET B 262 12.61 7.45 -1.27
C MET B 262 12.93 8.60 -0.32
N SER B 263 11.95 9.49 -0.11
CA SER B 263 12.06 10.51 0.93
C SER B 263 10.67 11.00 1.26
N GLY B 264 10.56 11.78 2.33
CA GLY B 264 9.39 12.54 2.66
C GLY B 264 9.77 14.00 2.80
N ASP B 265 8.92 14.88 2.25
CA ASP B 265 9.05 16.34 2.40
C ASP B 265 8.87 16.77 3.86
N ALA B 266 7.93 16.12 4.55
CA ALA B 266 7.44 16.53 5.88
C ALA B 266 7.08 18.04 5.84
N PHE B 267 6.30 18.43 4.83
CA PHE B 267 6.02 19.85 4.61
C PHE B 267 4.53 20.19 4.64
N HIS B 268 3.75 19.69 3.67
CA HIS B 268 2.34 20.02 3.50
C HIS B 268 1.60 18.86 2.87
N MET B 269 0.28 18.77 3.13
CA MET B 269 -0.52 17.64 2.66
C MET B 269 -0.67 17.56 1.15
N THR B 270 -0.67 18.71 0.46
CA THR B 270 -0.98 18.78 -0.98
C THR B 270 -0.05 19.65 -1.79
N ALA B 271 1.08 20.07 -1.22
CA ALA B 271 2.00 20.90 -1.94
C ALA B 271 3.42 20.57 -1.54
N PRO B 272 4.41 20.70 -2.44
CA PRO B 272 5.80 20.51 -2.07
C PRO B 272 6.40 21.80 -1.54
N PRO B 273 7.56 21.74 -0.86
CA PRO B 273 8.26 22.96 -0.48
C PRO B 273 8.72 23.67 -1.76
N GLU B 274 8.79 24.99 -1.73
CA GLU B 274 9.14 25.74 -2.94
C GLU B 274 10.49 25.33 -3.55
N ASP B 275 11.42 24.87 -2.70
CA ASP B 275 12.78 24.52 -3.19
C ASP B 275 12.88 23.03 -3.55
N GLY B 276 11.78 22.28 -3.41
CA GLY B 276 11.79 20.85 -3.72
C GLY B 276 12.81 20.04 -2.94
N ALA B 277 13.06 20.46 -1.68
CA ALA B 277 14.17 19.86 -0.91
C ALA B 277 13.98 18.37 -0.74
N GLY B 278 12.72 17.93 -0.54
CA GLY B 278 12.40 16.52 -0.40
C GLY B 278 12.74 15.75 -1.66
N ALA B 279 12.32 16.29 -2.81
CA ALA B 279 12.60 15.67 -4.09
C ALA B 279 14.12 15.54 -4.34
N ALA B 280 14.86 16.59 -3.97
CA ALA B 280 16.33 16.60 -4.06
C ALA B 280 16.94 15.47 -3.25
N ARG B 281 16.50 15.30 -1.99
CA ARG B 281 17.00 14.21 -1.13
C ARG B 281 16.70 12.87 -1.80
N CYS B 282 15.51 12.74 -2.39
CA CYS B 282 15.07 11.49 -2.96
C CYS B 282 15.95 11.12 -4.15
N MET B 283 16.19 12.08 -5.04
CA MET B 283 17.04 11.83 -6.21
C MET B 283 18.47 11.45 -5.79
N LYS B 284 19.03 12.19 -4.82
CA LYS B 284 20.36 11.85 -4.29
C LYS B 284 20.41 10.45 -3.69
N ASN B 285 19.36 10.08 -2.94
CA ASN B 285 19.28 8.72 -2.38
C ASN B 285 19.32 7.66 -3.46
N ALA B 286 18.60 7.90 -4.56
CA ALA B 286 18.54 6.95 -5.68
C ALA B 286 19.91 6.85 -6.34
N LEU B 287 20.58 8.00 -6.53
CA LEU B 287 21.92 7.98 -7.12
C LEU B 287 22.90 7.26 -6.23
N ARG B 288 22.88 7.53 -4.92
CA ARG B 288 23.74 6.80 -3.94
C ARG B 288 23.46 5.29 -4.01
N ASP B 289 22.17 4.90 -4.05
CA ASP B 289 21.80 3.49 -4.15
C ASP B 289 22.43 2.80 -5.36
N ALA B 290 22.48 3.55 -6.48
CA ALA B 290 23.06 3.07 -7.74
C ALA B 290 24.59 3.21 -7.83
N GLY B 291 25.22 3.90 -6.86
CA GLY B 291 26.66 4.19 -6.93
C GLY B 291 27.07 5.09 -8.09
N LEU B 292 26.18 6.01 -8.48
CA LEU B 292 26.40 6.89 -9.59
C LEU B 292 26.65 8.32 -9.10
N ASP B 293 27.54 8.95 -9.89
CA ASP B 293 27.83 10.39 -9.68
C ASP B 293 26.75 11.13 -10.50
N PRO B 294 26.11 12.20 -9.98
CA PRO B 294 25.05 12.93 -10.67
C PRO B 294 25.39 13.23 -12.13
N ARG B 295 26.69 13.41 -12.47
CA ARG B 295 27.07 13.74 -13.87
C ARG B 295 26.82 12.56 -14.82
N GLN B 296 26.49 11.38 -14.29
CA GLN B 296 26.21 10.23 -15.16
C GLN B 296 24.78 10.22 -15.70
N VAL B 297 23.91 11.02 -15.09
CA VAL B 297 22.49 11.07 -15.54
C VAL B 297 22.39 11.83 -16.86
N ASP B 298 21.78 11.20 -17.86
CA ASP B 298 21.56 11.81 -19.17
C ASP B 298 20.14 12.32 -19.41
N TYR B 299 19.14 11.62 -18.86
CA TYR B 299 17.71 11.89 -19.11
C TYR B 299 16.92 11.78 -17.81
N ILE B 300 16.06 12.78 -17.53
CA ILE B 300 15.12 12.68 -16.43
C ILE B 300 13.69 12.71 -16.99
N ASN B 301 12.90 11.68 -16.70
CA ASN B 301 11.49 11.73 -16.88
C ASN B 301 10.91 12.33 -15.60
N ALA B 302 10.56 13.60 -15.67
CA ALA B 302 10.06 14.37 -14.54
C ALA B 302 8.69 13.89 -14.08
N HIS B 303 8.33 14.29 -12.85
CA HIS B 303 6.91 14.13 -12.42
C HIS B 303 6.07 15.14 -13.26
N GLY B 304 6.46 16.43 -13.41
CA GLY B 304 5.86 17.38 -14.37
C GLY B 304 4.34 17.40 -14.44
N THR B 305 3.66 17.64 -13.32
CA THR B 305 2.18 17.54 -13.32
C THR B 305 1.47 18.75 -13.92
N SER B 306 2.18 19.81 -14.33
CA SER B 306 1.54 21.04 -14.88
C SER B 306 0.81 21.87 -13.83
N THR B 307 1.13 21.63 -12.55
CA THR B 307 0.64 22.52 -11.50
C THR B 307 1.59 23.70 -11.37
N PRO B 308 1.09 24.90 -10.99
CA PRO B 308 1.97 26.04 -10.75
C PRO B 308 3.11 25.73 -9.76
N ALA B 309 2.78 25.21 -8.58
CA ALA B 309 3.80 25.03 -7.55
C ALA B 309 4.68 23.81 -7.73
N GLY B 310 4.08 22.72 -8.24
CA GLY B 310 4.79 21.44 -8.42
C GLY B 310 5.95 21.54 -9.40
N ASP B 311 5.68 22.13 -10.56
CA ASP B 311 6.64 22.12 -11.66
C ASP B 311 7.90 22.85 -11.27
N ILE B 312 7.74 24.01 -10.62
CA ILE B 312 8.93 24.80 -10.28
C ILE B 312 9.73 24.21 -9.12
N ALA B 313 9.05 23.54 -8.18
CA ALA B 313 9.76 22.82 -7.12
C ALA B 313 10.70 21.74 -7.68
N GLU B 314 10.25 21.05 -8.74
CA GLU B 314 11.06 20.01 -9.34
C GLU B 314 12.29 20.56 -10.08
N ILE B 315 12.12 21.69 -10.77
CA ILE B 315 13.28 22.38 -11.35
C ILE B 315 14.31 22.70 -10.26
N ALA B 316 13.83 23.27 -9.16
CA ALA B 316 14.72 23.66 -8.05
C ALA B 316 15.49 22.44 -7.53
N ALA B 317 14.79 21.29 -7.40
CA ALA B 317 15.39 20.06 -6.89
C ALA B 317 16.46 19.55 -7.84
N VAL B 318 16.13 19.55 -9.12
CA VAL B 318 17.10 19.14 -10.16
C VAL B 318 18.34 20.02 -10.12
N LYS B 319 18.14 21.34 -10.03
CA LYS B 319 19.29 22.25 -10.00
C LYS B 319 20.17 21.99 -8.79
N SER B 320 19.52 21.68 -7.64
CA SER B 320 20.27 21.43 -6.41
CA SER B 320 20.26 21.40 -6.40
C SER B 320 21.10 20.17 -6.50
N VAL B 321 20.49 19.08 -7.00
CA VAL B 321 21.15 17.79 -7.07
C VAL B 321 22.29 17.77 -8.09
N PHE B 322 22.06 18.38 -9.24
CA PHE B 322 22.91 18.19 -10.36
C PHE B 322 23.91 19.34 -10.60
N GLY B 323 23.72 20.47 -9.93
CA GLY B 323 24.59 21.62 -10.08
C GLY B 323 24.71 21.99 -11.56
N GLU B 324 25.95 22.22 -12.04
CA GLU B 324 26.17 22.64 -13.42
C GLU B 324 25.76 21.54 -14.43
N HIS B 325 25.79 20.29 -13.99
CA HIS B 325 25.34 19.18 -14.86
C HIS B 325 23.85 19.30 -15.19
N ALA B 326 23.09 20.08 -14.40
CA ALA B 326 21.67 20.29 -14.71
C ALA B 326 21.48 20.86 -16.12
N HIS B 327 22.53 21.54 -16.64
CA HIS B 327 22.51 22.14 -17.97
C HIS B 327 22.92 21.20 -19.10
N ALA B 328 23.39 20.00 -18.76
CA ALA B 328 23.83 18.99 -19.71
C ALA B 328 22.77 17.91 -19.95
N LEU B 329 22.10 17.50 -18.87
CA LEU B 329 21.05 16.51 -18.98
C LEU B 329 19.86 17.07 -19.74
N SER B 330 18.99 16.15 -20.19
CA SER B 330 17.69 16.49 -20.73
C SER B 330 16.65 15.99 -19.74
N MET B 331 15.60 16.79 -19.56
CA MET B 331 14.48 16.45 -18.70
C MET B 331 13.19 16.75 -19.44
N SER B 332 12.25 15.81 -19.42
CA SER B 332 10.92 16.10 -19.97
C SER B 332 9.82 15.48 -19.19
N SER B 333 8.62 16.02 -19.38
CA SER B 333 7.43 15.49 -18.79
C SER B 333 6.55 14.93 -19.87
N THR B 334 6.40 13.60 -19.84
CA THR B 334 5.48 12.94 -20.73
C THR B 334 4.04 13.14 -20.35
N LYS B 335 3.78 13.68 -19.15
CA LYS B 335 2.42 14.08 -18.78
C LYS B 335 1.88 15.21 -19.67
N SER B 336 2.77 15.93 -20.35
CA SER B 336 2.35 16.88 -21.37
C SER B 336 1.46 16.22 -22.44
N MET B 337 1.69 14.92 -22.70
CA MET B 337 0.95 14.13 -23.67
C MET B 337 -0.07 13.18 -23.05
N THR B 338 0.30 12.51 -21.97
CA THR B 338 -0.54 11.47 -21.37
C THR B 338 -1.52 11.98 -20.35
N GLY B 339 -1.27 13.19 -19.84
CA GLY B 339 -1.87 13.62 -18.60
C GLY B 339 -1.30 12.79 -17.44
N HIS B 340 -1.99 12.86 -16.29
CA HIS B 340 -1.48 12.38 -15.02
C HIS B 340 -2.26 11.14 -14.64
N LEU B 341 -1.62 9.96 -14.75
CA LEU B 341 -2.24 8.69 -14.42
C LEU B 341 -2.24 8.34 -12.94
N LEU B 342 -1.90 9.33 -12.10
CA LEU B 342 -1.98 9.21 -10.64
C LEU B 342 -1.09 8.03 -10.19
N GLY B 343 -1.67 7.01 -9.55
CA GLY B 343 -0.90 5.90 -9.06
C GLY B 343 -0.22 5.09 -10.17
N ALA B 344 -0.72 5.20 -11.40
CA ALA B 344 -0.08 4.54 -12.56
C ALA B 344 0.96 5.39 -13.26
N ALA B 345 1.05 6.66 -12.89
CA ALA B 345 2.01 7.57 -13.58
C ALA B 345 3.43 7.08 -13.52
N GLY B 346 3.90 6.69 -12.33
CA GLY B 346 5.27 6.24 -12.19
C GLY B 346 5.52 4.94 -12.92
N ALA B 347 4.47 4.15 -13.15
CA ALA B 347 4.64 2.89 -13.88
C ALA B 347 4.81 3.14 -15.35
N VAL B 348 3.90 3.91 -15.95
CA VAL B 348 4.00 4.19 -17.39
C VAL B 348 5.27 5.00 -17.68
N GLU B 349 5.65 5.88 -16.75
CA GLU B 349 6.85 6.71 -16.93
C GLU B 349 8.18 5.95 -16.74
N ALA B 350 8.17 4.91 -15.90
CA ALA B 350 9.27 3.95 -15.86
C ALA B 350 9.42 3.28 -17.23
N ILE B 351 8.31 2.86 -17.82
CA ILE B 351 8.35 2.22 -19.13
C ILE B 351 8.94 3.20 -20.16
N PHE B 352 8.47 4.46 -20.12
CA PHE B 352 8.95 5.45 -21.08
C PHE B 352 10.46 5.68 -20.90
N SER B 353 10.94 5.60 -19.66
CA SER B 353 12.34 5.82 -19.37
C SER B 353 13.19 4.68 -19.94
N VAL B 354 12.69 3.45 -19.78
CA VAL B 354 13.33 2.26 -20.34
C VAL B 354 13.39 2.37 -21.87
N LEU B 355 12.32 2.88 -22.49
CA LEU B 355 12.27 2.98 -23.94
C LEU B 355 13.17 4.12 -24.47
N ALA B 356 13.32 5.18 -23.67
CA ALA B 356 14.29 6.24 -23.98
C ALA B 356 15.70 5.66 -24.06
N LEU B 357 16.01 4.72 -23.16
CA LEU B 357 17.28 3.97 -23.18
C LEU B 357 17.39 3.09 -24.44
N ARG B 358 16.36 2.31 -24.74
CA ARG B 358 16.37 1.40 -25.93
C ARG B 358 16.59 2.24 -27.19
N ASP B 359 15.85 3.34 -27.34
CA ASP B 359 15.79 4.06 -28.60
C ASP B 359 16.71 5.29 -28.66
N GLN B 360 17.41 5.57 -27.55
CA GLN B 360 18.31 6.74 -27.47
C GLN B 360 17.65 8.02 -27.92
N VAL B 361 16.52 8.32 -27.29
CA VAL B 361 15.73 9.50 -27.61
C VAL B 361 15.03 10.01 -26.36
N ALA B 362 15.10 11.33 -26.15
CA ALA B 362 14.38 11.97 -25.05
C ALA B 362 13.01 12.38 -25.56
N PRO B 363 11.90 11.84 -24.97
CA PRO B 363 10.54 12.24 -25.33
C PRO B 363 10.36 13.74 -25.10
N PRO B 364 9.48 14.41 -25.87
CA PRO B 364 9.27 15.85 -25.69
C PRO B 364 8.40 16.22 -24.48
N THR B 365 8.56 17.45 -23.99
CA THR B 365 7.53 18.13 -23.24
C THR B 365 6.75 18.96 -24.28
N ILE B 366 5.57 18.49 -24.70
CA ILE B 366 4.77 19.26 -25.63
C ILE B 366 4.13 20.44 -24.87
N ASN B 367 3.65 21.42 -25.65
CA ASN B 367 2.95 22.60 -25.13
C ASN B 367 3.81 23.61 -24.38
N LEU B 368 5.14 23.39 -24.35
CA LEU B 368 6.07 24.28 -23.64
C LEU B 368 6.43 25.52 -24.51
N ASP B 369 5.41 26.36 -24.70
CA ASP B 369 5.47 27.51 -25.63
C ASP B 369 6.28 28.69 -25.05
N ASN B 370 6.11 28.94 -23.74
CA ASN B 370 6.76 30.02 -23.00
C ASN B 370 7.19 29.52 -21.63
N PRO B 371 8.41 28.96 -21.51
CA PRO B 371 8.90 28.48 -20.23
C PRO B 371 8.81 29.58 -19.16
N ASP B 372 8.38 29.18 -17.96
CA ASP B 372 8.20 30.10 -16.85
C ASP B 372 9.57 30.53 -16.30
N GLU B 373 9.56 31.54 -15.44
CA GLU B 373 10.79 32.05 -14.84
C GLU B 373 11.52 30.89 -14.12
N GLY B 374 12.83 30.78 -14.35
CA GLY B 374 13.69 29.78 -13.75
C GLY B 374 13.61 28.41 -14.44
N CYS B 375 12.70 28.25 -15.40
CA CYS B 375 12.48 26.94 -16.05
C CYS B 375 13.35 26.91 -17.32
N ASP B 376 14.66 26.93 -17.11
CA ASP B 376 15.63 27.23 -18.19
C ASP B 376 16.61 26.09 -18.42
N LEU B 377 16.21 24.88 -18.05
CA LEU B 377 16.97 23.67 -18.38
C LEU B 377 16.56 23.19 -19.78
N ASP B 378 17.25 22.17 -20.28
CA ASP B 378 16.83 21.52 -21.49
C ASP B 378 15.60 20.66 -21.16
N LEU B 379 14.40 21.18 -21.47
CA LEU B 379 13.13 20.52 -21.15
C LEU B 379 12.50 19.84 -22.37
N VAL B 380 13.33 19.66 -23.40
CA VAL B 380 12.95 18.93 -24.63
C VAL B 380 11.61 19.45 -25.14
N ALA B 381 11.48 20.78 -25.23
CA ALA B 381 10.25 21.37 -25.62
C ALA B 381 9.87 20.94 -27.08
N HIS B 382 8.59 20.58 -27.23
CA HIS B 382 7.89 20.40 -28.50
C HIS B 382 8.15 19.09 -29.23
N GLU B 383 9.43 18.75 -29.42
CA GLU B 383 9.83 17.63 -30.28
C GLU B 383 10.80 16.71 -29.61
N ALA B 384 10.62 15.41 -29.84
CA ALA B 384 11.54 14.39 -29.34
C ALA B 384 12.95 14.72 -29.80
N LYS B 385 13.93 14.42 -28.93
CA LYS B 385 15.33 14.73 -29.18
C LYS B 385 16.22 13.49 -29.12
N PRO B 386 16.68 12.95 -30.25
CA PRO B 386 17.70 11.90 -30.23
C PRO B 386 18.97 12.40 -29.54
N ARG B 387 19.49 11.63 -28.60
CA ARG B 387 20.75 11.95 -27.85
C ARG B 387 21.28 10.69 -27.16
N LYS B 388 22.52 10.74 -26.65
CA LYS B 388 23.08 9.67 -25.83
C LYS B 388 22.36 9.63 -24.50
N ILE B 389 21.84 8.44 -24.17
CA ILE B 389 21.24 8.19 -22.87
C ILE B 389 21.75 6.85 -22.37
N ASP B 390 22.67 6.90 -21.42
CA ASP B 390 23.15 5.72 -20.72
C ASP B 390 22.39 5.50 -19.40
N VAL B 391 22.03 6.60 -18.74
CA VAL B 391 21.35 6.60 -17.43
C VAL B 391 20.11 7.48 -17.51
N ALA B 392 18.95 6.90 -17.14
CA ALA B 392 17.68 7.62 -17.15
C ALA B 392 17.09 7.52 -15.74
N LEU B 393 16.61 8.65 -15.22
CA LEU B 393 16.01 8.74 -13.90
C LEU B 393 14.55 9.14 -14.06
N SER B 394 13.67 8.59 -13.22
CA SER B 394 12.25 8.87 -13.27
C SER B 394 11.77 9.20 -11.87
N ASN B 395 11.17 10.38 -11.73
CA ASN B 395 10.61 10.86 -10.45
C ASN B 395 9.09 10.75 -10.33
N SER B 396 8.59 10.42 -9.14
CA SER B 396 7.18 10.58 -8.78
C SER B 396 7.12 11.21 -7.37
N PHE B 397 6.20 12.18 -7.20
CA PHE B 397 5.93 12.81 -5.92
C PHE B 397 4.43 12.70 -5.67
N GLY B 398 4.05 12.79 -4.39
CA GLY B 398 2.67 12.54 -4.01
C GLY B 398 2.19 13.39 -2.87
N PHE B 399 0.86 13.52 -2.79
CA PHE B 399 0.23 14.18 -1.65
C PHE B 399 0.76 13.46 -0.40
N GLY B 400 0.94 14.23 0.68
CA GLY B 400 1.61 13.74 1.86
C GLY B 400 3.12 13.97 1.86
N GLY B 401 3.67 14.47 0.76
CA GLY B 401 5.09 14.73 0.64
C GLY B 401 5.91 13.48 0.37
N THR B 402 5.27 12.45 -0.18
CA THR B 402 5.94 11.17 -0.41
C THR B 402 6.60 11.10 -1.76
N ASN B 403 7.90 10.80 -1.77
CA ASN B 403 8.73 10.91 -2.99
C ASN B 403 9.39 9.58 -3.32
N GLY B 404 9.56 9.33 -4.62
CA GLY B 404 10.22 8.16 -5.14
C GLY B 404 10.98 8.49 -6.40
N THR B 405 12.16 7.88 -6.55
CA THR B 405 12.97 8.02 -7.76
C THR B 405 13.51 6.65 -8.17
N LEU B 406 13.45 6.36 -9.47
CA LEU B 406 14.08 5.19 -10.05
C LEU B 406 15.18 5.58 -11.00
N VAL B 407 16.23 4.76 -11.04
CA VAL B 407 17.35 4.96 -11.93
C VAL B 407 17.56 3.68 -12.73
N PHE B 408 17.49 3.84 -14.06
CA PHE B 408 17.67 2.75 -15.01
C PHE B 408 18.93 3.05 -15.82
N ARG B 409 19.54 1.99 -16.33
CA ARG B 409 20.77 2.12 -17.15
C ARG B 409 20.71 1.13 -18.32
N ARG B 410 21.35 1.48 -19.44
CA ARG B 410 21.53 0.52 -20.56
C ARG B 410 22.18 -0.76 -20.07
N PHE B 411 21.71 -1.91 -20.53
CA PHE B 411 22.30 -3.17 -20.23
C PHE B 411 22.99 -3.71 -21.47
N ALA B 412 24.29 -4.02 -21.33
CA ALA B 412 25.16 -4.56 -22.39
C ALA B 412 25.58 -6.03 -22.11
#